data_9HN9
#
_entry.id   9HN9
#
_cell.length_a   1.00
_cell.length_b   1.00
_cell.length_c   1.00
_cell.angle_alpha   90.00
_cell.angle_beta   90.00
_cell.angle_gamma   90.00
#
_symmetry.space_group_name_H-M   'P 1'
#
loop_
_entity.id
_entity.type
_entity.pdbx_description
1 polymer 'Queuine tRNA-ribosyltransferase catalytic subunit 1'
2 polymer 'Queuine tRNA-ribosyltransferase accessory subunit 2'
3 polymer 'mouse pre-tRNA-Tyr-1-4'
4 non-polymer 9-DEAZAGUANINE
#
loop_
_entity_poly.entity_id
_entity_poly.type
_entity_poly.pdbx_seq_one_letter_code
_entity_poly.pdbx_strand_id
1 'polypeptide(L)'
;GPESAPRIMRLVAECSRSGARAGELRLPHGTVATPVFMPVGTQATMKGITTEQLDSLGCRICLGNTYHLGLRPGPELIRK
AQGLHGFMNWPHNLLTDSGGFQMVSLFSLSEVTEEGVHFRSPYDGEETLLSPERSVEIQNALGSDIIMQLDHVVSSTVTG
PLVEEAMHRSVRWLDRCIAAHKHPDKQNLFAIIQGGLNADLRTTCLKEMTKRDVPGFAIGGLSGGESKAQFWKMVALSTS
MLPKDKPRYLMGVGYATDLVVCVALGCDMFDCVYPTRTARFGSALVPTGNLQLKKKQYAKDFSPINPECPCPTCQTHSRA
FLHALLHSDNTTALHHLTVHNIAYQLQLLSAVRSSILEQRFPDFVRNFMRTMYGDHSLCPAWAVEALASVGIMLT
;
A
2 'polypeptide(L)'
;GPKLSLIKVVNGCRLGKIQNLGKAGDCTVDIPGCLLYTRTGSAPHLTHQTLRNIHGVPGIAQLTLSSLAEHHEVLAEYKK
GVGSFIGMPESLFYCSLHDPVTPGPAGYVTSKSVSVWGFGGRVEMTVSKFMAIQEALQPDWFQCLSDGEASCAETTSIKR
ARKSVDRSLLFLDSCLRLQEESEVLQKSVIIGVIEGGDVMEERLRSARETAKRPVGGFLLDGFQGDPAVTETRLHLLSSV
TAELPEDKPRLICGVSRPDEVLECIERGVDLFESFFPYQVTERGCALTFTFDCQLNPEETLLQQNGIQEKIKGLDQAKKI
EATGCNQEMTSFEINLKEKKYQEDFDPLVRGCSCYCCKNHTRAYIHHLLMTNELLAGVLLMMHNFEHYFGFFCSIREALK
NDTLAQLKELICRQMF
;
B
3 'polyribonucleotide'
;GGCCUUCGAUAGCUCAGUUGGUAGAGCGGAGGACUGUAGGUCAUUGUUCUAGAAAUCCUUAGGUCGCUGGUUCGAAUCCG
GCUCGAAGGACCA
;
C
#
loop_
_chem_comp.id
_chem_comp.type
_chem_comp.name
_chem_comp.formula
9DG non-polymer 9-DEAZAGUANINE 'C6 H6 N4 O'
A RNA linking ADENOSINE-5'-MONOPHOSPHATE 'C10 H14 N5 O7 P'
C RNA linking CYTIDINE-5'-MONOPHOSPHATE 'C9 H14 N3 O8 P'
G RNA linking GUANOSINE-5'-MONOPHOSPHATE 'C10 H14 N5 O8 P'
U RNA linking URIDINE-5'-MONOPHOSPHATE 'C9 H13 N2 O9 P'
#
# COMPACT_ATOMS: atom_id res chain seq x y z
N SER A 4 11.01 16.86 -40.74
CA SER A 4 10.03 17.68 -40.04
C SER A 4 8.90 16.83 -39.49
N ALA A 5 9.17 16.16 -38.36
CA ALA A 5 8.15 15.33 -37.73
C ALA A 5 7.06 16.22 -37.12
N PRO A 6 5.81 15.74 -37.10
CA PRO A 6 4.75 16.49 -36.43
C PRO A 6 5.03 16.61 -34.94
N ARG A 7 4.71 17.78 -34.38
CA ARG A 7 4.98 18.04 -32.98
C ARG A 7 3.96 17.33 -32.10
N ILE A 8 4.45 16.65 -31.06
CA ILE A 8 3.60 15.98 -30.11
C ILE A 8 3.05 16.92 -29.04
N MET A 9 3.57 18.14 -28.96
CA MET A 9 3.22 19.08 -27.91
C MET A 9 2.59 20.32 -28.52
N ARG A 10 1.46 20.75 -27.95
CA ARG A 10 0.83 22.00 -28.33
C ARG A 10 0.67 22.87 -27.09
N LEU A 11 0.71 24.18 -27.29
CA LEU A 11 0.71 25.14 -26.20
C LEU A 11 -0.28 26.26 -26.48
N VAL A 12 -1.27 26.41 -25.61
CA VAL A 12 -1.96 27.69 -25.47
C VAL A 12 -1.89 28.15 -24.01
N ALA A 13 -0.76 28.76 -23.66
CA ALA A 13 -0.50 29.39 -22.37
C ALA A 13 0.81 30.16 -22.45
N GLU A 14 0.80 31.45 -22.16
CA GLU A 14 2.04 32.23 -22.14
C GLU A 14 1.99 33.20 -20.98
N CYS A 15 2.88 33.00 -20.00
CA CYS A 15 2.96 33.94 -18.89
C CYS A 15 3.63 35.23 -19.35
N SER A 16 3.27 36.34 -18.70
CA SER A 16 3.80 37.63 -19.07
C SER A 16 5.10 37.95 -18.33
N ARG A 17 5.07 37.87 -17.00
CA ARG A 17 6.26 38.16 -16.21
C ARG A 17 7.25 37.02 -16.19
N SER A 18 6.87 35.85 -16.71
CA SER A 18 7.77 34.70 -16.72
C SER A 18 7.54 33.92 -18.01
N GLY A 19 8.37 32.90 -18.21
CA GLY A 19 8.27 32.09 -19.41
C GLY A 19 7.67 30.73 -19.15
N ALA A 20 6.91 30.59 -18.08
CA ALA A 20 6.29 29.32 -17.75
C ALA A 20 5.24 28.94 -18.77
N ARG A 21 5.10 27.63 -19.01
CA ARG A 21 4.25 27.12 -20.07
C ARG A 21 3.36 26.02 -19.53
N ALA A 22 2.24 25.82 -20.24
CA ALA A 22 1.27 24.77 -19.89
C ALA A 22 0.56 24.35 -21.15
N GLY A 23 0.59 23.05 -21.46
CA GLY A 23 0.01 22.59 -22.71
C GLY A 23 -0.48 21.16 -22.69
N GLU A 24 -0.67 20.58 -23.87
CA GLU A 24 -1.22 19.23 -24.01
C GLU A 24 -0.26 18.37 -24.81
N LEU A 25 -0.08 17.12 -24.38
CA LEU A 25 0.69 16.13 -25.11
C LEU A 25 -0.24 14.99 -25.52
N ARG A 26 -0.22 14.66 -26.80
CA ARG A 26 -1.00 13.55 -27.34
C ARG A 26 -0.13 12.30 -27.34
N LEU A 27 -0.66 11.22 -26.79
CA LEU A 27 0.04 9.94 -26.68
C LEU A 27 -1.00 8.86 -26.98
N PRO A 28 -0.57 7.68 -27.44
CA PRO A 28 -1.53 6.68 -27.94
C PRO A 28 -2.49 6.11 -26.90
N HIS A 29 -2.45 6.55 -25.65
CA HIS A 29 -3.50 6.19 -24.69
C HIS A 29 -4.16 7.40 -24.04
N GLY A 30 -3.83 8.62 -24.44
CA GLY A 30 -4.52 9.77 -23.90
C GLY A 30 -3.73 11.05 -24.07
N THR A 31 -4.27 12.11 -23.47
CA THR A 31 -3.69 13.43 -23.50
C THR A 31 -3.25 13.83 -22.10
N VAL A 32 -2.02 14.32 -21.97
CA VAL A 32 -1.42 14.62 -20.69
C VAL A 32 -1.15 16.12 -20.62
N ALA A 33 -1.57 16.75 -19.53
CA ALA A 33 -1.41 18.18 -19.34
C ALA A 33 -0.02 18.48 -18.79
N THR A 34 0.73 19.29 -19.50
CA THR A 34 2.05 19.77 -19.11
C THR A 34 1.91 21.05 -18.31
N PRO A 35 2.59 21.19 -17.16
CA PRO A 35 3.55 20.25 -16.55
C PRO A 35 2.89 19.07 -15.84
N VAL A 36 3.63 17.99 -15.60
CA VAL A 36 3.05 16.78 -15.02
C VAL A 36 4.12 16.05 -14.21
N PHE A 37 3.67 15.40 -13.14
CA PHE A 37 4.51 14.55 -12.30
C PHE A 37 4.19 13.09 -12.54
N MET A 38 5.23 12.27 -12.40
CA MET A 38 5.24 10.88 -12.82
C MET A 38 5.76 10.03 -11.67
N PRO A 39 4.89 9.26 -11.02
CA PRO A 39 5.37 8.33 -10.00
C PRO A 39 6.15 7.19 -10.63
N VAL A 40 7.25 6.80 -10.00
CA VAL A 40 8.06 5.71 -10.52
C VAL A 40 7.34 4.38 -10.30
N GLY A 41 7.27 3.56 -11.35
CA GLY A 41 6.52 2.32 -11.26
C GLY A 41 7.16 1.29 -10.35
N THR A 42 8.49 1.32 -10.23
CA THR A 42 9.18 0.36 -9.37
C THR A 42 8.82 0.58 -7.91
N GLN A 43 8.92 1.82 -7.43
CA GLN A 43 8.55 2.12 -6.05
C GLN A 43 7.05 2.06 -5.82
N ALA A 44 6.23 2.35 -6.84
CA ALA A 44 4.79 2.21 -6.70
C ALA A 44 4.39 0.75 -6.55
N THR A 45 5.02 -0.14 -7.32
CA THR A 45 4.80 -1.57 -7.12
C THR A 45 5.39 -2.06 -5.81
N MET A 46 6.51 -1.47 -5.37
CA MET A 46 7.10 -1.84 -4.10
C MET A 46 6.25 -1.42 -2.90
N LYS A 47 5.57 -0.28 -2.98
CA LYS A 47 4.82 0.25 -1.85
C LYS A 47 3.36 -0.15 -1.86
N GLY A 48 2.93 -0.91 -2.86
CA GLY A 48 1.67 -1.63 -2.77
C GLY A 48 0.42 -0.90 -3.19
N ILE A 49 0.52 0.23 -3.87
CA ILE A 49 -0.67 0.90 -4.38
C ILE A 49 -1.15 0.15 -5.61
N THR A 50 -2.43 -0.21 -5.62
CA THR A 50 -2.99 -0.96 -6.73
C THR A 50 -3.32 -0.02 -7.88
N THR A 51 -3.96 -0.56 -8.92
CA THR A 51 -4.27 0.21 -10.12
C THR A 51 -5.36 1.24 -9.84
N GLU A 52 -6.44 0.83 -9.17
CA GLU A 52 -7.57 1.71 -8.96
C GLU A 52 -7.25 2.83 -7.99
N GLN A 53 -6.41 2.56 -6.99
CA GLN A 53 -6.04 3.60 -6.04
C GLN A 53 -5.16 4.65 -6.67
N LEU A 54 -4.28 4.25 -7.61
CA LEU A 54 -3.45 5.23 -8.30
C LEU A 54 -4.21 5.97 -9.38
N ASP A 55 -5.16 5.32 -10.03
CA ASP A 55 -5.98 5.99 -11.03
C ASP A 55 -7.00 6.93 -10.40
N SER A 56 -7.39 6.66 -9.15
CA SER A 56 -8.42 7.47 -8.50
C SER A 56 -7.94 8.89 -8.23
N LEU A 57 -6.64 9.08 -8.04
CA LEU A 57 -6.12 10.41 -7.84
C LEU A 57 -6.09 11.22 -9.13
N GLY A 58 -6.11 10.55 -10.28
CA GLY A 58 -6.11 11.20 -11.57
C GLY A 58 -4.79 11.18 -12.33
N CYS A 59 -3.92 10.23 -12.05
CA CYS A 59 -2.61 10.19 -12.69
C CYS A 59 -2.74 9.70 -14.12
N ARG A 60 -1.81 10.14 -14.97
CA ARG A 60 -1.82 9.79 -16.38
C ARG A 60 -0.55 9.14 -16.88
N ILE A 61 0.60 9.36 -16.24
CA ILE A 61 1.85 8.76 -16.67
C ILE A 61 2.49 8.04 -15.49
N CYS A 62 2.83 6.76 -15.69
CA CYS A 62 3.66 5.99 -14.78
C CYS A 62 5.01 5.71 -15.45
N LEU A 63 5.82 4.89 -14.81
CA LEU A 63 7.21 4.74 -15.22
C LEU A 63 7.64 3.26 -15.20
N GLY A 64 8.66 2.95 -16.02
CA GLY A 64 9.22 1.62 -16.10
C GLY A 64 10.70 1.65 -16.45
N ASN A 65 11.35 0.50 -16.33
CA ASN A 65 12.78 0.36 -16.60
C ASN A 65 13.05 -0.82 -17.54
N THR A 66 14.07 -0.68 -18.40
CA THR A 66 14.44 -1.75 -19.32
C THR A 66 15.09 -2.90 -18.57
N TYR A 67 16.02 -2.58 -17.67
CA TYR A 67 16.73 -3.58 -16.87
C TYR A 67 15.79 -4.42 -16.03
N HIS A 68 14.81 -3.76 -15.40
CA HIS A 68 14.03 -4.38 -14.33
C HIS A 68 13.10 -5.44 -14.88
N LEU A 69 12.53 -5.20 -16.04
CA LEU A 69 11.78 -6.24 -16.74
C LEU A 69 12.65 -7.17 -17.56
N GLY A 70 13.84 -6.73 -17.98
CA GLY A 70 14.71 -7.62 -18.74
C GLY A 70 15.24 -8.78 -17.91
N LEU A 71 15.57 -8.52 -16.64
CA LEU A 71 16.03 -9.60 -15.78
C LEU A 71 14.93 -10.62 -15.54
N ARG A 72 13.74 -10.15 -15.17
CA ARG A 72 12.62 -11.01 -14.85
C ARG A 72 11.34 -10.21 -15.04
N PRO A 73 10.26 -10.83 -15.55
CA PRO A 73 10.07 -12.23 -15.90
C PRO A 73 10.54 -12.60 -17.30
N GLY A 74 11.51 -11.88 -17.85
CA GLY A 74 12.07 -12.22 -19.13
C GLY A 74 11.46 -11.42 -20.26
N PRO A 75 12.32 -10.87 -21.12
CA PRO A 75 11.82 -10.10 -22.28
C PRO A 75 10.97 -10.94 -23.22
N GLU A 76 11.27 -12.23 -23.34
CA GLU A 76 10.49 -13.09 -24.23
C GLU A 76 9.09 -13.38 -23.68
N LEU A 77 8.97 -13.54 -22.35
CA LEU A 77 7.64 -13.74 -21.76
C LEU A 77 6.81 -12.48 -21.84
N ILE A 78 7.45 -11.33 -21.62
CA ILE A 78 6.78 -10.04 -21.74
C ILE A 78 6.36 -9.78 -23.18
N ARG A 79 7.23 -10.09 -24.14
CA ARG A 79 6.91 -9.94 -25.55
C ARG A 79 5.80 -10.91 -25.97
N LYS A 80 5.77 -12.10 -25.38
CA LYS A 80 4.72 -13.06 -25.68
C LYS A 80 3.35 -12.56 -25.24
N ALA A 81 3.28 -11.92 -24.08
CA ALA A 81 2.03 -11.44 -23.53
C ALA A 81 1.72 -9.99 -23.87
N GLN A 82 2.58 -9.34 -24.66
CA GLN A 82 2.56 -7.89 -24.88
C GLN A 82 2.54 -7.17 -23.53
N GLY A 83 3.64 -7.38 -22.81
CA GLY A 83 3.65 -7.35 -21.36
C GLY A 83 3.18 -6.13 -20.61
N LEU A 84 3.93 -5.02 -20.63
CA LEU A 84 3.88 -4.06 -19.54
C LEU A 84 2.55 -3.33 -19.41
N HIS A 85 1.74 -3.26 -20.46
CA HIS A 85 0.43 -2.64 -20.33
C HIS A 85 -0.66 -3.62 -19.89
N GLY A 86 -0.50 -4.91 -20.16
CA GLY A 86 -1.39 -5.93 -19.65
C GLY A 86 -0.85 -6.72 -18.48
N PHE A 87 0.26 -6.28 -17.90
CA PHE A 87 1.00 -7.03 -16.89
C PHE A 87 0.87 -6.38 -15.52
N MET A 88 1.31 -5.12 -15.39
CA MET A 88 1.04 -4.33 -14.20
C MET A 88 -0.30 -3.63 -14.26
N ASN A 89 -1.00 -3.76 -15.39
CA ASN A 89 -2.35 -3.23 -15.60
C ASN A 89 -2.40 -1.72 -15.39
N TRP A 90 -1.67 -1.00 -16.24
CA TRP A 90 -1.69 0.46 -16.24
C TRP A 90 -2.49 0.92 -17.46
N PRO A 91 -3.70 1.45 -17.29
CA PRO A 91 -4.54 1.74 -18.47
C PRO A 91 -4.09 2.95 -19.25
N HIS A 92 -3.26 3.81 -18.67
CA HIS A 92 -2.82 5.04 -19.30
C HIS A 92 -1.45 4.84 -19.95
N ASN A 93 -0.82 5.94 -20.34
CA ASN A 93 0.48 5.87 -20.96
C ASN A 93 1.57 5.68 -19.91
N LEU A 94 2.74 5.21 -20.37
CA LEU A 94 3.88 4.97 -19.49
C LEU A 94 5.16 5.34 -20.23
N LEU A 95 6.15 5.78 -19.46
CA LEU A 95 7.47 6.12 -19.98
C LEU A 95 8.48 5.13 -19.40
N THR A 96 9.22 4.46 -20.28
CA THR A 96 10.22 3.48 -19.86
C THR A 96 11.60 4.12 -19.86
N ASP A 97 12.25 4.10 -18.70
CA ASP A 97 13.63 4.52 -18.61
C ASP A 97 14.53 3.42 -19.14
N SER A 98 15.50 3.78 -19.98
CA SER A 98 16.37 2.78 -20.56
C SER A 98 17.39 2.25 -19.57
N GLY A 99 17.69 3.00 -18.51
CA GLY A 99 18.66 2.57 -17.52
C GLY A 99 20.08 2.89 -17.94
N GLY A 100 21.00 2.60 -17.02
CA GLY A 100 22.41 2.87 -17.24
C GLY A 100 23.21 2.87 -15.95
N PHE A 101 24.05 3.89 -15.76
CA PHE A 101 24.83 4.01 -14.52
C PHE A 101 24.01 4.68 -13.42
N GLN A 102 22.95 3.98 -13.04
CA GLN A 102 22.10 4.38 -11.92
C GLN A 102 22.72 3.96 -10.60
N MET A 103 21.92 3.89 -9.54
CA MET A 103 22.40 3.39 -8.26
C MET A 103 22.96 1.98 -8.34
N VAL A 104 22.50 1.18 -9.31
CA VAL A 104 23.23 -0.02 -9.69
C VAL A 104 24.40 0.38 -10.58
N SER A 105 25.59 -0.07 -10.23
CA SER A 105 26.81 0.38 -10.89
C SER A 105 27.79 -0.78 -10.92
N LEU A 106 29.09 -0.47 -11.10
CA LEU A 106 30.10 -1.48 -11.38
C LEU A 106 30.29 -2.47 -10.23
N PHE A 107 29.79 -2.16 -9.03
CA PHE A 107 29.70 -3.18 -7.99
C PHE A 107 28.72 -4.29 -8.38
N SER A 108 27.72 -3.98 -9.21
CA SER A 108 26.81 -4.98 -9.74
C SER A 108 26.74 -4.99 -11.26
N LEU A 109 27.39 -4.04 -11.95
CA LEU A 109 27.43 -4.02 -13.40
C LEU A 109 28.68 -4.76 -13.88
N SER A 110 29.01 -4.62 -15.15
CA SER A 110 30.16 -5.31 -15.74
C SER A 110 30.87 -4.36 -16.71
N GLU A 111 31.75 -4.94 -17.53
CA GLU A 111 32.58 -4.15 -18.44
C GLU A 111 31.74 -3.47 -19.52
N VAL A 112 32.12 -2.24 -19.85
CA VAL A 112 31.47 -1.48 -20.92
C VAL A 112 32.37 -1.56 -22.15
N THR A 113 31.79 -2.03 -23.25
CA THR A 113 32.47 -2.08 -24.54
C THR A 113 31.71 -1.18 -25.51
N GLU A 114 32.15 -1.16 -26.77
CA GLU A 114 31.54 -0.26 -27.75
C GLU A 114 30.13 -0.73 -28.12
N GLU A 115 29.90 -2.04 -28.20
CA GLU A 115 28.62 -2.57 -28.67
C GLU A 115 27.50 -2.26 -27.69
N GLY A 116 27.80 -2.23 -26.40
CA GLY A 116 26.80 -1.90 -25.40
C GLY A 116 27.42 -1.90 -24.03
N VAL A 117 26.59 -1.90 -23.01
CA VAL A 117 27.03 -1.99 -21.62
C VAL A 117 26.52 -3.30 -21.03
N HIS A 118 27.41 -4.03 -20.38
CA HIS A 118 27.06 -5.36 -19.89
C HIS A 118 26.35 -5.25 -18.55
N PHE A 119 25.18 -5.87 -18.46
CA PHE A 119 24.36 -5.88 -17.25
C PHE A 119 24.39 -7.26 -16.62
N ARG A 120 24.33 -7.30 -15.30
CA ARG A 120 24.40 -8.54 -14.54
C ARG A 120 23.18 -8.64 -13.62
N SER A 121 23.23 -9.61 -12.71
CA SER A 121 22.12 -9.88 -11.80
C SER A 121 22.68 -10.65 -10.61
N PRO A 122 21.95 -10.67 -9.48
CA PRO A 122 22.27 -11.68 -8.45
C PRO A 122 22.21 -13.09 -8.97
N TYR A 123 21.33 -13.37 -9.94
CA TYR A 123 21.40 -14.58 -10.74
C TYR A 123 22.69 -14.54 -11.54
N ASP A 124 23.62 -15.46 -11.24
CA ASP A 124 24.95 -15.40 -11.85
C ASP A 124 24.91 -15.74 -13.34
N GLY A 125 23.95 -16.57 -13.76
CA GLY A 125 23.81 -16.90 -15.16
C GLY A 125 22.98 -15.92 -15.96
N GLU A 126 22.56 -14.81 -15.36
CA GLU A 126 21.69 -13.85 -16.01
C GLU A 126 22.48 -12.67 -16.57
N GLU A 127 23.81 -12.75 -16.60
CA GLU A 127 24.60 -11.67 -17.17
C GLU A 127 24.42 -11.61 -18.68
N THR A 128 24.16 -10.41 -19.18
CA THR A 128 23.91 -10.15 -20.58
C THR A 128 24.63 -8.88 -21.00
N LEU A 129 24.56 -8.57 -22.29
CA LEU A 129 25.09 -7.34 -22.86
C LEU A 129 23.94 -6.50 -23.38
N LEU A 130 23.67 -5.38 -22.73
CA LEU A 130 22.61 -4.46 -23.15
C LEU A 130 23.19 -3.53 -24.21
N SER A 131 22.88 -3.81 -25.45
CA SER A 131 23.25 -3.00 -26.60
C SER A 131 22.13 -2.04 -26.94
N PRO A 132 22.43 -0.93 -27.62
CA PRO A 132 21.34 -0.05 -28.10
C PRO A 132 20.31 -0.74 -28.96
N GLU A 133 20.74 -1.64 -29.85
CA GLU A 133 19.78 -2.47 -30.57
C GLU A 133 19.06 -3.41 -29.62
N ARG A 134 19.80 -3.99 -28.66
CA ARG A 134 19.19 -4.84 -27.65
C ARG A 134 18.21 -4.06 -26.77
N SER A 135 18.59 -2.86 -26.35
CA SER A 135 17.71 -2.06 -25.49
C SER A 135 16.46 -1.63 -26.23
N VAL A 136 16.60 -1.22 -27.50
CA VAL A 136 15.40 -0.82 -28.23
C VAL A 136 14.56 -2.03 -28.60
N GLU A 137 15.17 -3.22 -28.74
CA GLU A 137 14.38 -4.43 -28.93
C GLU A 137 13.57 -4.77 -27.68
N ILE A 138 14.19 -4.67 -26.51
CA ILE A 138 13.48 -4.91 -25.25
C ILE A 138 12.35 -3.90 -25.08
N GLN A 139 12.64 -2.63 -25.35
CA GLN A 139 11.62 -1.60 -25.18
C GLN A 139 10.56 -1.63 -26.28
N ASN A 140 10.84 -2.27 -27.41
CA ASN A 140 9.78 -2.61 -28.35
C ASN A 140 8.94 -3.75 -27.80
N ALA A 141 9.58 -4.69 -27.09
CA ALA A 141 8.84 -5.78 -26.49
C ALA A 141 7.96 -5.31 -25.34
N LEU A 142 8.37 -4.25 -24.63
CA LEU A 142 7.56 -3.73 -23.54
C LEU A 142 6.27 -3.09 -24.04
N GLY A 143 6.28 -2.53 -25.25
CA GLY A 143 5.09 -1.93 -25.83
C GLY A 143 4.59 -0.70 -25.13
N SER A 144 5.49 0.20 -24.73
CA SER A 144 5.13 1.40 -23.99
C SER A 144 4.68 2.53 -24.89
N ASP A 145 4.62 3.75 -24.35
CA ASP A 145 4.15 4.91 -25.09
C ASP A 145 5.21 5.96 -25.34
N ILE A 146 6.23 6.05 -24.48
CA ILE A 146 7.40 6.90 -24.73
C ILE A 146 8.64 6.08 -24.42
N ILE A 147 9.42 5.75 -25.45
CA ILE A 147 10.66 5.00 -25.26
C ILE A 147 11.80 6.00 -25.17
N MET A 148 12.89 5.55 -24.55
CA MET A 148 14.06 6.37 -24.29
C MET A 148 15.30 5.68 -24.82
N GLN A 149 16.19 6.44 -25.45
CA GLN A 149 17.43 5.88 -25.96
C GLN A 149 18.38 5.61 -24.80
N LEU A 150 19.30 4.66 -25.02
CA LEU A 150 20.13 4.17 -23.93
C LEU A 150 21.14 5.22 -23.50
N ASP A 151 21.15 5.49 -22.21
CA ASP A 151 21.83 6.64 -21.62
C ASP A 151 23.21 6.26 -21.12
N HIS A 152 24.03 7.27 -20.92
CA HIS A 152 25.29 7.15 -20.18
C HIS A 152 25.21 8.16 -19.03
N VAL A 153 24.68 7.70 -17.90
CA VAL A 153 24.41 8.56 -16.77
C VAL A 153 25.72 8.92 -16.07
N VAL A 154 25.88 10.20 -15.76
CA VAL A 154 26.94 10.66 -14.87
C VAL A 154 26.29 11.45 -13.74
N SER A 155 27.00 11.55 -12.63
CA SER A 155 26.48 12.27 -11.47
C SER A 155 26.63 13.77 -11.66
N VAL A 158 29.92 14.00 -11.45
CA VAL A 158 30.94 13.43 -12.34
C VAL A 158 31.28 14.41 -13.45
N THR A 159 32.54 14.82 -13.52
CA THR A 159 33.03 15.75 -14.53
C THR A 159 34.28 15.17 -15.18
N GLY A 160 34.72 15.83 -16.25
CA GLY A 160 35.93 15.44 -16.93
C GLY A 160 35.69 14.97 -18.35
N PRO A 161 36.72 14.39 -18.98
CA PRO A 161 36.56 13.87 -20.34
C PRO A 161 35.63 12.67 -20.44
N LEU A 162 35.35 12.00 -19.31
CA LEU A 162 34.42 10.88 -19.32
C LEU A 162 33.02 11.34 -19.73
N VAL A 163 32.61 12.52 -19.29
CA VAL A 163 31.31 13.05 -19.69
C VAL A 163 31.29 13.39 -21.18
N GLU A 164 32.42 13.88 -21.70
CA GLU A 164 32.52 14.14 -23.13
C GLU A 164 32.42 12.84 -23.93
N GLU A 165 33.09 11.80 -23.45
CA GLU A 165 32.95 10.49 -24.08
C GLU A 165 31.51 9.99 -23.98
N ALA A 166 30.86 10.24 -22.85
CA ALA A 166 29.47 9.81 -22.66
C ALA A 166 28.53 10.53 -23.62
N MET A 167 28.70 11.83 -23.80
CA MET A 167 27.80 12.57 -24.70
C MET A 167 28.07 12.23 -26.17
N HIS A 168 29.34 12.06 -26.56
CA HIS A 168 29.64 11.62 -27.92
C HIS A 168 29.09 10.22 -28.17
N ARG A 169 29.24 9.35 -27.18
CA ARG A 169 28.75 8.00 -27.28
C ARG A 169 27.24 7.96 -27.26
N SER A 170 26.62 8.93 -26.60
CA SER A 170 25.16 9.05 -26.62
C SER A 170 24.68 9.50 -27.99
N VAL A 171 25.44 10.37 -28.65
CA VAL A 171 25.13 10.75 -30.03
C VAL A 171 25.20 9.52 -30.94
N ARG A 172 26.29 8.75 -30.82
CA ARG A 172 26.43 7.54 -31.64
C ARG A 172 25.36 6.51 -31.31
N TRP A 173 25.00 6.36 -30.05
CA TRP A 173 24.01 5.38 -29.66
C TRP A 173 22.62 5.81 -30.08
N LEU A 174 22.37 7.13 -30.11
CA LEU A 174 21.13 7.63 -30.69
C LEU A 174 21.07 7.32 -32.19
N ASP A 175 22.20 7.44 -32.88
CA ASP A 175 22.25 7.04 -34.29
C ASP A 175 21.92 5.57 -34.45
N ARG A 176 22.51 4.73 -33.59
CA ARG A 176 22.26 3.29 -33.63
C ARG A 176 20.82 2.97 -33.29
N CYS A 177 20.24 3.70 -32.32
CA CYS A 177 18.86 3.46 -31.91
C CYS A 177 17.87 3.89 -32.99
N ILE A 178 18.13 5.01 -33.66
CA ILE A 178 17.29 5.47 -34.75
C ILE A 178 17.37 4.50 -35.92
N ALA A 179 18.58 4.06 -36.27
CA ALA A 179 18.73 3.11 -37.36
C ALA A 179 18.27 1.71 -36.99
N ALA A 180 18.05 1.42 -35.71
CA ALA A 180 17.72 0.07 -35.29
C ALA A 180 16.25 -0.25 -35.50
N HIS A 181 15.37 0.47 -34.81
CA HIS A 181 13.97 0.11 -34.75
C HIS A 181 13.16 0.80 -35.82
N LYS A 182 12.06 0.16 -36.22
CA LYS A 182 11.16 0.65 -37.25
C LYS A 182 9.82 1.07 -36.64
N HIS A 183 9.89 1.73 -35.49
CA HIS A 183 8.69 2.27 -34.83
C HIS A 183 8.92 3.72 -34.44
N PRO A 184 8.87 4.65 -35.41
CA PRO A 184 8.91 6.06 -35.05
C PRO A 184 7.52 6.62 -34.78
N ASP A 185 6.50 5.92 -35.26
CA ASP A 185 5.11 6.37 -35.18
C ASP A 185 4.31 5.68 -34.08
N LYS A 186 4.56 4.39 -33.84
CA LYS A 186 3.87 3.70 -32.76
C LYS A 186 4.35 4.18 -31.40
N GLN A 187 5.64 4.47 -31.26
CA GLN A 187 6.19 4.95 -30.00
C GLN A 187 7.09 6.14 -30.27
N ASN A 188 7.30 6.95 -29.24
CA ASN A 188 8.10 8.17 -29.32
C ASN A 188 9.42 7.96 -28.62
N LEU A 189 10.52 8.28 -29.31
CA LEU A 189 11.86 8.09 -28.79
C LEU A 189 12.38 9.44 -28.30
N PHE A 190 12.81 9.48 -27.05
CA PHE A 190 13.38 10.70 -26.48
C PHE A 190 14.90 10.63 -26.55
N ALA A 191 15.52 11.80 -26.50
CA ALA A 191 16.97 11.92 -26.55
C ALA A 191 17.46 12.54 -25.27
N ILE A 192 18.36 11.85 -24.57
CA ILE A 192 18.93 12.35 -23.33
C ILE A 192 20.03 13.33 -23.69
N ILE A 193 19.87 14.57 -23.27
CA ILE A 193 20.94 15.55 -23.35
C ILE A 193 21.86 15.36 -22.16
N GLN A 194 23.12 15.05 -22.44
CA GLN A 194 24.12 14.93 -21.40
C GLN A 194 25.01 16.17 -21.40
N GLY A 195 26.03 16.15 -20.55
CA GLY A 195 26.91 17.29 -20.42
C GLY A 195 27.41 17.49 -19.01
N GLY A 196 26.87 16.74 -18.06
CA GLY A 196 27.39 16.78 -16.70
C GLY A 196 27.00 18.06 -16.00
N LEU A 197 28.00 18.84 -15.61
CA LEU A 197 27.81 20.12 -14.94
C LEU A 197 28.39 21.29 -15.72
N ASN A 198 28.89 21.05 -16.93
CA ASN A 198 29.46 22.09 -17.76
C ASN A 198 28.58 22.35 -18.97
N ALA A 199 28.69 23.56 -19.52
CA ALA A 199 27.72 24.05 -20.48
C ALA A 199 28.19 24.02 -21.93
N ASP A 200 29.49 23.96 -22.18
CA ASP A 200 29.96 24.05 -23.57
C ASP A 200 29.76 22.73 -24.32
N LEU A 201 30.22 21.61 -23.75
CA LEU A 201 29.97 20.32 -24.37
C LEU A 201 28.49 19.98 -24.34
N ARG A 202 27.79 20.41 -23.29
CA ARG A 202 26.34 20.26 -23.27
C ARG A 202 25.70 21.04 -24.40
N THR A 203 26.16 22.27 -24.66
CA THR A 203 25.57 23.12 -25.69
C THR A 203 25.79 22.52 -27.07
N THR A 204 27.00 22.04 -27.35
CA THR A 204 27.20 21.40 -28.64
C THR A 204 26.47 20.07 -28.73
N CYS A 205 26.21 19.40 -27.60
CA CYS A 205 25.38 18.21 -27.60
C CYS A 205 23.94 18.53 -27.97
N LEU A 206 23.40 19.63 -27.39
CA LEU A 206 22.05 20.09 -27.72
C LEU A 206 21.95 20.41 -29.20
N LYS A 207 22.97 21.09 -29.73
CA LYS A 207 23.04 21.37 -31.16
C LYS A 207 23.05 20.08 -31.97
N GLU A 208 23.77 19.07 -31.48
CA GLU A 208 23.92 17.82 -32.21
C GLU A 208 22.60 17.07 -32.34
N MET A 209 21.83 16.93 -31.26
CA MET A 209 20.57 16.22 -31.54
C MET A 209 19.41 17.15 -31.87
N THR A 210 19.62 18.47 -31.93
CA THR A 210 18.66 19.25 -32.70
C THR A 210 18.93 19.15 -34.19
N LYS A 211 20.15 18.79 -34.58
CA LYS A 211 20.34 18.33 -35.95
C LYS A 211 19.58 17.04 -36.20
N ARG A 212 19.57 16.13 -35.23
CA ARG A 212 18.76 14.92 -35.32
C ARG A 212 17.29 15.27 -35.15
N ASP A 213 16.43 14.53 -35.85
CA ASP A 213 15.00 14.80 -35.79
C ASP A 213 14.31 13.77 -34.89
N VAL A 214 14.65 13.82 -33.61
CA VAL A 214 13.97 13.01 -32.60
C VAL A 214 12.85 13.85 -31.99
N PRO A 215 11.68 13.27 -31.71
CA PRO A 215 10.54 14.09 -31.29
C PRO A 215 10.62 14.60 -29.87
N GLY A 216 11.53 14.11 -29.05
CA GLY A 216 11.55 14.55 -27.66
C GLY A 216 12.96 14.72 -27.14
N PHE A 217 13.10 15.67 -26.23
CA PHE A 217 14.36 16.05 -25.60
C PHE A 217 14.24 15.93 -24.10
N ALA A 218 15.33 15.54 -23.46
CA ALA A 218 15.30 15.20 -22.05
C ALA A 218 16.62 15.56 -21.41
N ILE A 219 16.58 16.26 -20.29
CA ILE A 219 17.77 16.62 -19.54
C ILE A 219 18.04 15.51 -18.54
N GLY A 220 19.27 15.00 -18.52
CA GLY A 220 19.60 13.87 -17.69
C GLY A 220 20.93 14.05 -16.97
N GLY A 221 21.16 13.15 -16.01
CA GLY A 221 22.42 13.10 -15.31
C GLY A 221 22.63 14.17 -14.26
N LEU A 222 21.56 14.69 -13.67
CA LEU A 222 21.67 15.82 -12.75
C LEU A 222 21.45 15.45 -11.29
N SER A 223 20.32 14.84 -10.97
CA SER A 223 19.96 14.59 -9.58
C SER A 223 20.85 13.54 -8.95
N GLY A 224 21.10 13.69 -7.65
CA GLY A 224 21.99 12.85 -6.88
C GLY A 224 23.16 13.60 -6.27
N GLY A 225 23.75 14.52 -7.01
CA GLY A 225 24.80 15.39 -6.51
C GLY A 225 24.61 16.81 -6.99
N GLU A 226 23.35 17.21 -7.12
CA GLU A 226 22.98 18.42 -7.85
C GLU A 226 22.90 19.64 -6.95
N SER A 227 23.57 20.71 -7.35
CA SER A 227 23.41 22.02 -6.73
C SER A 227 22.37 22.80 -7.51
N LYS A 228 21.42 23.40 -6.79
CA LYS A 228 20.18 23.85 -7.42
C LYS A 228 20.36 25.11 -8.26
N ALA A 229 21.35 25.95 -7.93
CA ALA A 229 21.60 27.15 -8.74
C ALA A 229 22.08 26.78 -10.13
N GLN A 230 23.11 25.93 -10.20
CA GLN A 230 23.62 25.48 -11.48
C GLN A 230 22.60 24.57 -12.16
N PHE A 231 21.77 23.88 -11.37
CA PHE A 231 20.65 23.11 -11.90
C PHE A 231 19.67 23.98 -12.68
N TRP A 232 19.19 25.06 -12.05
CA TRP A 232 18.21 25.89 -12.75
C TRP A 232 18.87 26.65 -13.90
N LYS A 233 20.16 26.99 -13.77
CA LYS A 233 20.85 27.63 -14.88
C LYS A 233 20.93 26.73 -16.10
N MET A 234 21.25 25.45 -15.88
CA MET A 234 21.26 24.47 -16.98
C MET A 234 19.87 24.27 -17.56
N VAL A 235 18.83 24.19 -16.71
CA VAL A 235 17.47 24.07 -17.20
C VAL A 235 17.09 25.28 -18.05
N ALA A 236 17.46 26.47 -17.60
CA ALA A 236 17.12 27.69 -18.34
C ALA A 236 17.83 27.75 -19.68
N LEU A 237 19.13 27.44 -19.72
CA LEU A 237 19.85 27.50 -21.00
C LEU A 237 19.37 26.41 -21.95
N SER A 238 19.05 25.22 -21.41
CA SER A 238 18.52 24.15 -22.24
C SER A 238 17.17 24.53 -22.83
N THR A 239 16.27 25.04 -21.99
CA THR A 239 14.94 25.42 -22.46
C THR A 239 14.98 26.61 -23.39
N SER A 240 16.00 27.47 -23.26
CA SER A 240 16.18 28.55 -24.22
C SER A 240 16.68 28.04 -25.56
N MET A 241 17.53 27.01 -25.53
CA MET A 241 18.12 26.50 -26.76
C MET A 241 17.08 25.77 -27.63
N LEU A 242 16.23 24.97 -27.00
CA LEU A 242 15.33 24.11 -27.74
C LEU A 242 14.15 24.90 -28.32
N PRO A 243 13.59 24.43 -29.43
CA PRO A 243 12.35 25.03 -29.94
C PRO A 243 11.19 24.79 -28.99
N LYS A 244 10.24 25.72 -29.03
CA LYS A 244 9.17 25.77 -28.05
C LYS A 244 8.06 24.76 -28.31
N ASP A 245 8.07 24.08 -29.45
CA ASP A 245 7.04 23.10 -29.79
C ASP A 245 7.44 21.68 -29.44
N LYS A 246 8.56 21.51 -28.71
CA LYS A 246 9.02 20.18 -28.33
C LYS A 246 9.14 20.11 -26.82
N PRO A 247 8.69 19.00 -26.21
CA PRO A 247 8.70 18.90 -24.75
C PRO A 247 10.10 18.77 -24.19
N ARG A 248 10.24 19.09 -22.91
CA ARG A 248 11.51 19.07 -22.21
C ARG A 248 11.34 18.19 -20.98
N TYR A 249 11.67 16.91 -21.10
CA TYR A 249 11.66 16.02 -19.94
C TYR A 249 12.78 16.43 -18.98
N LEU A 250 12.50 16.30 -17.68
CA LEU A 250 13.52 16.51 -16.67
C LEU A 250 13.55 15.29 -15.75
N MET A 251 14.74 14.98 -15.25
CA MET A 251 14.93 13.85 -14.36
C MET A 251 15.03 14.29 -12.91
N GLY A 252 14.60 13.40 -12.01
CA GLY A 252 14.91 13.51 -10.59
C GLY A 252 14.41 14.77 -9.91
N VAL A 253 13.18 15.18 -10.18
CA VAL A 253 12.58 16.35 -9.56
C VAL A 253 11.29 15.91 -8.90
N GLY A 254 11.28 15.88 -7.56
CA GLY A 254 10.08 15.47 -6.85
C GLY A 254 9.62 16.43 -5.78
N TYR A 255 10.53 17.28 -5.28
CA TYR A 255 10.15 18.24 -4.26
C TYR A 255 9.29 19.34 -4.88
N ALA A 256 8.51 20.01 -4.03
CA ALA A 256 7.49 20.94 -4.52
C ALA A 256 8.11 22.20 -5.11
N THR A 257 9.05 22.83 -4.39
CA THR A 257 9.64 24.07 -4.87
C THR A 257 10.48 23.83 -6.12
N ASP A 258 11.21 22.71 -6.15
CA ASP A 258 11.96 22.30 -7.35
C ASP A 258 11.03 22.22 -8.54
N LEU A 259 9.89 21.55 -8.35
CA LEU A 259 8.92 21.35 -9.41
C LEU A 259 8.36 22.68 -9.92
N VAL A 260 7.87 23.54 -9.03
CA VAL A 260 7.17 24.73 -9.47
C VAL A 260 8.13 25.73 -10.11
N VAL A 261 9.32 25.90 -9.52
CA VAL A 261 10.27 26.82 -10.14
C VAL A 261 10.78 26.27 -11.47
N CYS A 262 10.90 24.95 -11.61
CA CYS A 262 11.23 24.39 -12.92
C CYS A 262 10.10 24.58 -13.92
N VAL A 263 8.85 24.62 -13.45
CA VAL A 263 7.75 24.99 -14.34
C VAL A 263 7.91 26.43 -14.78
N ALA A 264 8.39 27.29 -13.87
CA ALA A 264 8.63 28.68 -14.23
C ALA A 264 9.73 28.84 -15.28
N LEU A 265 10.62 27.86 -15.39
CA LEU A 265 11.67 27.89 -16.40
C LEU A 265 11.29 27.16 -17.69
N GLY A 266 10.15 26.47 -17.72
CA GLY A 266 9.65 25.88 -18.94
C GLY A 266 9.64 24.36 -19.02
N CYS A 267 9.83 23.65 -17.91
CA CYS A 267 9.81 22.20 -17.94
C CYS A 267 8.39 21.67 -18.09
N ASP A 268 8.31 20.38 -18.42
CA ASP A 268 7.01 19.72 -18.57
C ASP A 268 6.93 18.32 -17.96
N MET A 269 8.05 17.74 -17.53
CA MET A 269 8.08 16.39 -16.98
C MET A 269 8.89 16.35 -15.70
N PHE A 270 8.32 15.77 -14.66
CA PHE A 270 9.09 15.43 -13.46
C PHE A 270 8.68 14.04 -12.99
N ASP A 271 9.56 13.38 -12.25
CA ASP A 271 9.28 12.00 -11.85
C ASP A 271 10.02 11.58 -10.58
N ARG A 280 10.02 2.14 3.19
CA ARG A 280 10.48 3.50 3.05
C ARG A 280 9.32 4.49 3.17
N PHE A 281 8.10 3.99 3.04
CA PHE A 281 6.92 4.83 3.10
C PHE A 281 6.61 5.19 4.54
N GLY A 282 5.61 6.06 4.72
CA GLY A 282 5.19 6.44 6.05
C GLY A 282 5.20 7.92 6.33
N SER A 283 5.40 8.76 5.31
CA SER A 283 5.49 10.20 5.48
C SER A 283 4.52 10.89 4.53
N ALA A 284 3.65 11.73 5.08
CA ALA A 284 2.63 12.42 4.29
C ALA A 284 3.17 13.72 3.72
N LEU A 285 2.46 14.24 2.73
CA LEU A 285 2.79 15.51 2.11
C LEU A 285 1.67 16.49 2.40
N VAL A 286 2.01 17.62 2.99
CA VAL A 286 1.05 18.65 3.36
C VAL A 286 1.41 19.91 2.58
N PRO A 287 0.47 20.84 2.45
CA PRO A 287 0.81 22.13 1.82
C PRO A 287 1.89 22.91 2.54
N THR A 288 2.14 22.64 3.82
CA THR A 288 3.25 23.27 4.51
C THR A 288 4.55 22.50 4.35
N GLY A 289 4.54 21.36 3.67
CA GLY A 289 5.78 20.64 3.40
C GLY A 289 5.66 19.14 3.49
N ASN A 290 6.64 18.51 4.14
CA ASN A 290 6.60 17.07 4.39
C ASN A 290 6.28 16.87 5.86
N LEU A 291 5.30 16.03 6.15
CA LEU A 291 4.84 15.82 7.52
C LEU A 291 5.02 14.32 7.78
N GLN A 292 6.07 13.98 8.52
CA GLN A 292 6.35 12.57 8.78
C GLN A 292 5.34 12.05 9.80
N LEU A 293 4.52 11.10 9.39
CA LEU A 293 3.40 10.66 10.20
C LEU A 293 3.82 9.66 11.28
N LYS A 294 5.10 9.30 11.33
CA LYS A 294 5.64 8.58 12.48
C LYS A 294 5.70 9.47 13.73
N LYS A 295 5.50 10.77 13.59
CA LYS A 295 5.60 11.70 14.71
C LYS A 295 4.60 11.37 15.80
N LYS A 296 5.09 11.30 17.04
CA LYS A 296 4.21 11.17 18.20
C LYS A 296 3.73 12.52 18.71
N GLN A 297 4.18 13.62 18.10
CA GLN A 297 3.82 14.95 18.57
C GLN A 297 2.36 15.30 18.29
N TYR A 298 1.75 14.68 17.29
CA TYR A 298 0.33 14.89 17.00
C TYR A 298 -0.37 13.56 16.92
N ALA A 299 0.09 12.61 17.73
CA ALA A 299 -0.54 11.29 17.78
C ALA A 299 -1.95 11.35 18.33
N LYS A 300 -2.34 12.48 18.92
CA LYS A 300 -3.66 12.67 19.48
C LYS A 300 -4.52 13.53 18.54
N ASP A 301 -3.94 14.07 17.47
CA ASP A 301 -4.67 14.90 16.52
C ASP A 301 -5.72 14.08 15.79
N PHE A 302 -6.97 14.53 15.85
CA PHE A 302 -8.07 13.85 15.20
C PHE A 302 -8.49 14.54 13.90
N SER A 303 -7.84 15.62 13.53
CA SER A 303 -8.10 16.28 12.25
C SER A 303 -7.47 15.49 11.12
N PRO A 304 -7.97 15.65 9.89
CA PRO A 304 -7.30 15.06 8.73
C PRO A 304 -5.91 15.66 8.50
N ILE A 305 -5.18 15.05 7.57
CA ILE A 305 -3.80 15.44 7.31
C ILE A 305 -3.75 16.86 6.75
N ASN A 306 -4.59 17.14 5.78
CA ASN A 306 -4.83 18.48 5.27
C ASN A 306 -6.34 18.63 5.12
N PRO A 307 -6.95 19.63 5.75
CA PRO A 307 -8.41 19.81 5.61
C PRO A 307 -8.86 20.09 4.18
N GLU A 308 -7.96 20.59 3.33
CA GLU A 308 -8.30 20.87 1.94
C GLU A 308 -7.92 19.76 0.98
N CYS A 309 -7.20 18.73 1.43
CA CYS A 309 -6.78 17.67 0.53
C CYS A 309 -7.95 16.76 0.19
N PRO A 310 -8.25 16.55 -1.09
CA PRO A 310 -9.36 15.66 -1.46
C PRO A 310 -8.99 14.19 -1.55
N CYS A 311 -7.83 13.79 -1.03
CA CYS A 311 -7.47 12.39 -0.99
C CYS A 311 -8.37 11.65 -0.01
N PRO A 312 -8.65 10.37 -0.25
CA PRO A 312 -9.56 9.63 0.65
C PRO A 312 -9.03 9.50 2.08
N THR A 313 -7.71 9.54 2.26
CA THR A 313 -7.12 9.41 3.59
C THR A 313 -7.54 10.54 4.51
N CYS A 314 -7.55 11.78 4.02
CA CYS A 314 -7.97 12.90 4.85
C CYS A 314 -9.47 12.86 5.10
N GLN A 315 -10.26 12.65 4.06
CA GLN A 315 -11.70 12.80 4.18
C GLN A 315 -12.36 11.64 4.93
N THR A 316 -11.71 10.49 5.04
CA THR A 316 -12.32 9.37 5.74
C THR A 316 -11.62 9.07 7.07
N HIS A 317 -10.32 9.30 7.15
CA HIS A 317 -9.53 8.90 8.30
C HIS A 317 -9.02 10.15 9.02
N SER A 318 -8.13 9.95 9.97
CA SER A 318 -7.56 11.04 10.74
C SER A 318 -6.06 10.80 10.89
N ARG A 319 -5.42 11.55 11.77
CA ARG A 319 -3.99 11.39 11.99
C ARG A 319 -3.71 10.41 13.11
N ALA A 320 -4.56 10.38 14.13
CA ALA A 320 -4.36 9.46 15.25
C ALA A 320 -4.52 8.00 14.81
N PHE A 321 -5.49 7.74 13.93
CA PHE A 321 -5.75 6.38 13.48
C PHE A 321 -4.58 5.82 12.69
N LEU A 322 -4.05 6.60 11.75
CA LEU A 322 -2.89 6.14 11.01
C LEU A 322 -1.63 6.15 11.85
N HIS A 323 -1.55 7.02 12.85
CA HIS A 323 -0.44 6.93 13.79
C HIS A 323 -0.45 5.59 14.52
N ALA A 324 -1.64 5.13 14.89
CA ALA A 324 -1.75 3.80 15.50
C ALA A 324 -1.45 2.70 14.50
N LEU A 325 -1.94 2.84 13.27
CA LEU A 325 -1.83 1.79 12.27
C LEU A 325 -0.46 1.70 11.60
N LEU A 326 0.43 2.67 11.87
CA LEU A 326 1.62 2.85 11.03
C LEU A 326 2.56 1.65 11.08
N HIS A 327 2.79 1.08 12.26
CA HIS A 327 3.65 -0.09 12.33
C HIS A 327 2.92 -1.36 12.72
N SER A 328 1.71 -1.27 13.27
CA SER A 328 1.00 -2.45 13.74
C SER A 328 0.63 -3.38 12.59
N ASP A 329 -0.27 -2.93 11.73
CA ASP A 329 -0.53 -3.60 10.45
C ASP A 329 0.10 -2.72 9.40
N ASN A 330 1.37 -2.99 9.08
CA ASN A 330 2.22 -2.00 8.42
C ASN A 330 1.77 -1.72 6.99
N THR A 331 1.33 -2.76 6.28
CA THR A 331 1.07 -2.64 4.84
C THR A 331 -0.06 -1.66 4.53
N THR A 332 -1.15 -1.72 5.31
CA THR A 332 -2.30 -0.85 5.08
C THR A 332 -1.95 0.62 5.30
N ALA A 333 -1.23 0.93 6.38
CA ALA A 333 -0.86 2.31 6.64
C ALA A 333 0.18 2.81 5.64
N LEU A 334 1.08 1.93 5.18
CA LEU A 334 2.01 2.31 4.13
C LEU A 334 1.26 2.66 2.84
N HIS A 335 0.23 1.88 2.53
CA HIS A 335 -0.63 2.19 1.38
C HIS A 335 -1.29 3.56 1.54
N HIS A 336 -1.83 3.84 2.74
CA HIS A 336 -2.51 5.11 2.99
C HIS A 336 -1.56 6.29 2.81
N LEU A 337 -0.37 6.20 3.40
CA LEU A 337 0.60 7.29 3.31
C LEU A 337 1.04 7.53 1.88
N THR A 338 1.32 6.45 1.13
CA THR A 338 1.86 6.64 -0.21
C THR A 338 0.80 7.18 -1.16
N VAL A 339 -0.46 6.74 -1.01
CA VAL A 339 -1.50 7.29 -1.88
C VAL A 339 -1.77 8.76 -1.54
N HIS A 340 -1.61 9.14 -0.26
CA HIS A 340 -1.72 10.55 0.09
C HIS A 340 -0.62 11.38 -0.57
N ASN A 341 0.61 10.85 -0.60
CA ASN A 341 1.71 11.58 -1.22
C ASN A 341 1.46 11.82 -2.71
N ILE A 342 1.02 10.78 -3.41
CA ILE A 342 0.80 10.91 -4.85
C ILE A 342 -0.38 11.84 -5.13
N ALA A 343 -1.42 11.79 -4.29
CA ALA A 343 -2.54 12.72 -4.45
C ALA A 343 -2.10 14.17 -4.25
N TYR A 344 -1.22 14.42 -3.26
CA TYR A 344 -0.71 15.77 -3.05
C TYR A 344 0.05 16.27 -4.26
N GLN A 345 0.92 15.43 -4.84
CA GLN A 345 1.70 15.88 -5.99
C GLN A 345 0.80 16.20 -7.17
N LEU A 346 -0.22 15.37 -7.41
CA LEU A 346 -1.15 15.64 -8.50
C LEU A 346 -1.91 16.94 -8.29
N GLN A 347 -2.37 17.19 -7.05
CA GLN A 347 -3.08 18.44 -6.78
C GLN A 347 -2.17 19.66 -6.92
N LEU A 348 -0.89 19.53 -6.55
CA LEU A 348 0.04 20.65 -6.72
C LEU A 348 0.24 20.99 -8.18
N LEU A 349 0.40 19.97 -9.04
CA LEU A 349 0.50 20.24 -10.47
C LEU A 349 -0.77 20.88 -11.02
N SER A 350 -1.94 20.40 -10.57
CA SER A 350 -3.19 20.99 -11.04
C SER A 350 -3.31 22.45 -10.61
N ALA A 351 -2.87 22.76 -9.39
CA ALA A 351 -2.91 24.14 -8.90
C ALA A 351 -1.99 25.04 -9.70
N VAL A 352 -0.77 24.57 -10.00
CA VAL A 352 0.19 25.39 -10.75
C VAL A 352 -0.33 25.64 -12.17
N ARG A 353 -0.83 24.60 -12.83
CA ARG A 353 -1.35 24.78 -14.19
C ARG A 353 -2.58 25.68 -14.21
N SER A 354 -3.47 25.52 -13.23
CA SER A 354 -4.68 26.35 -13.18
C SER A 354 -4.33 27.80 -12.88
N SER A 355 -3.31 28.04 -12.06
CA SER A 355 -2.90 29.41 -11.80
C SER A 355 -2.24 30.04 -13.01
N ILE A 356 -1.49 29.25 -13.78
CA ILE A 356 -0.84 29.79 -14.98
C ILE A 356 -1.87 30.11 -16.05
N LEU A 357 -2.88 29.24 -16.22
CA LEU A 357 -3.95 29.54 -17.17
C LEU A 357 -4.77 30.76 -16.79
N GLU A 358 -4.73 31.17 -15.53
CA GLU A 358 -5.43 32.37 -15.09
C GLU A 358 -4.56 33.61 -15.15
N GLN A 359 -3.33 33.49 -15.66
CA GLN A 359 -2.37 34.60 -15.78
C GLN A 359 -2.10 35.27 -14.44
N ARG A 360 -2.01 34.46 -13.40
CA ARG A 360 -1.86 34.92 -12.03
C ARG A 360 -0.56 34.41 -11.43
N PHE A 361 0.26 33.74 -12.25
CA PHE A 361 1.41 32.99 -11.76
C PHE A 361 2.43 33.76 -10.92
N PRO A 362 2.79 35.03 -11.21
CA PRO A 362 3.59 35.76 -10.21
C PRO A 362 2.89 35.92 -8.88
N ASP A 363 1.60 36.26 -8.90
CA ASP A 363 0.84 36.37 -7.66
C ASP A 363 0.72 35.02 -6.97
N PHE A 364 0.52 33.95 -7.75
CA PHE A 364 0.36 32.62 -7.16
C PHE A 364 1.67 32.13 -6.54
N VAL A 365 2.80 32.40 -7.20
CA VAL A 365 4.07 31.94 -6.65
C VAL A 365 4.42 32.75 -5.40
N ARG A 366 4.08 34.04 -5.38
CA ARG A 366 4.22 34.82 -4.15
C ARG A 366 3.35 34.25 -3.05
N ASN A 367 2.12 33.86 -3.41
CA ASN A 367 1.14 33.39 -2.43
C ASN A 367 1.59 32.09 -1.79
N PHE A 368 1.92 31.07 -2.59
CA PHE A 368 2.26 29.81 -1.95
C PHE A 368 3.69 29.87 -1.42
N MET A 369 4.50 30.78 -1.95
CA MET A 369 5.83 31.01 -1.40
C MET A 369 5.71 31.49 0.04
N ARG A 370 4.85 32.49 0.26
CA ARG A 370 4.58 32.98 1.61
C ARG A 370 3.82 31.96 2.43
N THR A 371 3.08 31.06 1.78
CA THR A 371 2.31 30.06 2.52
C THR A 371 3.23 29.00 3.12
N MET A 372 3.94 28.28 2.27
CA MET A 372 4.78 27.19 2.77
C MET A 372 6.18 27.64 3.10
N TYR A 373 6.46 28.95 3.08
CA TYR A 373 7.71 29.46 3.59
C TYR A 373 7.54 30.57 4.62
N GLY A 374 6.32 30.95 4.96
CA GLY A 374 6.10 31.99 5.96
C GLY A 374 6.30 33.40 5.44
N ASP A 375 7.48 33.69 4.90
CA ASP A 375 7.81 34.99 4.36
C ASP A 375 8.88 34.81 3.31
N HIS A 376 9.07 35.85 2.49
CA HIS A 376 10.04 35.80 1.41
C HIS A 376 11.48 35.74 1.92
N SER A 377 11.71 36.16 3.16
CA SER A 377 13.08 36.16 3.70
C SER A 377 13.56 34.77 4.06
N LEU A 378 12.65 33.84 4.37
CA LEU A 378 13.03 32.50 4.80
C LEU A 378 13.16 31.52 3.64
N CYS A 379 12.93 31.97 2.41
CA CYS A 379 12.96 31.09 1.25
C CYS A 379 14.39 30.77 0.85
N PRO A 380 14.60 29.63 0.18
CA PRO A 380 15.92 29.35 -0.38
C PRO A 380 16.29 30.33 -1.47
N ALA A 381 17.60 30.56 -1.62
CA ALA A 381 18.07 31.58 -2.56
C ALA A 381 17.85 31.17 -4.01
N TRP A 382 17.82 29.87 -4.30
CA TRP A 382 17.72 29.43 -5.69
C TRP A 382 16.35 29.73 -6.28
N ALA A 383 15.28 29.54 -5.51
CA ALA A 383 13.94 29.77 -6.03
C ALA A 383 13.69 31.24 -6.28
N VAL A 384 14.07 32.08 -5.31
CA VAL A 384 13.93 33.53 -5.46
C VAL A 384 14.80 34.05 -6.59
N GLU A 385 16.03 33.52 -6.70
CA GLU A 385 16.95 33.95 -7.74
C GLU A 385 16.43 33.60 -9.13
N ALA A 386 15.92 32.37 -9.29
CA ALA A 386 15.41 31.95 -10.60
C ALA A 386 14.12 32.69 -10.96
N LEU A 387 13.26 32.93 -9.96
CA LEU A 387 12.03 33.65 -10.25
C LEU A 387 12.30 35.13 -10.54
N ALA A 388 13.33 35.71 -9.91
CA ALA A 388 13.70 37.08 -10.24
C ALA A 388 14.35 37.15 -11.61
N SER A 389 15.13 36.13 -11.98
CA SER A 389 15.76 36.10 -13.29
C SER A 389 14.73 35.96 -14.40
N VAL A 390 13.72 35.11 -14.20
CA VAL A 390 12.71 34.97 -15.24
C VAL A 390 11.77 36.17 -15.23
N GLY A 391 11.71 36.92 -14.13
CA GLY A 391 11.02 38.19 -14.11
C GLY A 391 9.85 38.28 -13.17
N ILE A 392 9.92 37.60 -12.03
CA ILE A 392 8.86 37.60 -11.02
C ILE A 392 9.46 38.06 -9.70
N MET A 393 8.86 39.08 -9.09
CA MET A 393 9.29 39.59 -7.81
C MET A 393 8.49 38.95 -6.68
N LEU A 394 9.17 38.69 -5.56
CA LEU A 394 8.53 38.11 -4.39
C LEU A 394 8.30 39.16 -3.31
N PRO B 32 -24.92 -20.06 11.41
CA PRO B 32 -23.58 -19.81 11.94
C PRO B 32 -23.15 -18.37 11.74
N GLY B 33 -21.86 -18.13 11.62
CA GLY B 33 -21.39 -16.79 11.30
C GLY B 33 -19.89 -16.67 11.48
N CYS B 34 -19.36 -15.57 10.95
CA CYS B 34 -17.94 -15.28 10.97
C CYS B 34 -17.71 -13.86 11.49
N LEU B 35 -16.49 -13.62 11.93
CA LEU B 35 -16.05 -12.30 12.39
C LEU B 35 -14.95 -11.81 11.47
N LEU B 36 -15.09 -10.57 10.97
CA LEU B 36 -14.04 -9.96 10.17
C LEU B 36 -12.79 -9.79 11.01
N TYR B 37 -11.75 -10.53 10.66
CA TYR B 37 -10.52 -10.55 11.45
C TYR B 37 -9.73 -9.29 11.15
N THR B 38 -9.64 -8.40 12.13
CA THR B 38 -8.92 -7.14 11.97
C THR B 38 -7.76 -7.09 12.93
N ARG B 39 -6.57 -6.78 12.42
CA ARG B 39 -5.41 -6.52 13.24
C ARG B 39 -5.26 -5.01 13.37
N THR B 40 -5.48 -4.49 14.57
CA THR B 40 -5.36 -3.06 14.91
C THR B 40 -6.29 -2.22 14.03
N GLY B 41 -7.59 -2.43 14.24
CA GLY B 41 -8.58 -1.61 13.59
C GLY B 41 -8.99 -2.11 12.22
N SER B 42 -8.12 -1.97 11.23
CA SER B 42 -8.45 -2.36 9.87
C SER B 42 -8.05 -3.81 9.61
N ALA B 43 -8.50 -4.33 8.47
CA ALA B 43 -8.09 -5.66 8.06
C ALA B 43 -6.60 -5.66 7.72
N PRO B 44 -5.94 -6.81 7.86
CA PRO B 44 -4.52 -6.87 7.45
C PRO B 44 -4.39 -6.69 5.95
N HIS B 45 -3.43 -5.84 5.56
CA HIS B 45 -3.10 -5.52 4.17
C HIS B 45 -4.27 -4.89 3.40
N LEU B 46 -5.24 -4.30 4.10
CA LEU B 46 -6.42 -3.74 3.45
C LEU B 46 -6.74 -2.38 4.05
N THR B 47 -6.87 -1.36 3.20
CA THR B 47 -7.32 -0.05 3.63
C THR B 47 -8.84 0.05 3.51
N HIS B 48 -9.37 1.22 3.87
CA HIS B 48 -10.82 1.41 3.89
C HIS B 48 -11.43 1.30 2.49
N GLN B 49 -10.79 1.90 1.49
CA GLN B 49 -11.25 1.75 0.11
C GLN B 49 -11.10 0.31 -0.35
N THR B 50 -9.99 -0.33 0.00
CA THR B 50 -9.78 -1.70 -0.40
C THR B 50 -10.64 -2.66 0.42
N LEU B 51 -11.02 -2.29 1.64
CA LEU B 51 -12.07 -3.03 2.34
C LEU B 51 -13.41 -2.87 1.65
N ARG B 52 -13.69 -1.68 1.11
CA ARG B 52 -14.89 -1.51 0.30
C ARG B 52 -14.83 -2.31 -0.99
N ASN B 53 -13.61 -2.65 -1.46
CA ASN B 53 -13.49 -3.53 -2.61
C ASN B 53 -13.90 -4.97 -2.29
N ILE B 54 -13.72 -5.39 -1.03
CA ILE B 54 -14.04 -6.77 -0.64
C ILE B 54 -15.54 -6.94 -0.55
N HIS B 55 -16.06 -8.01 -1.13
CA HIS B 55 -17.46 -8.36 -0.98
C HIS B 55 -17.63 -9.34 0.19
N GLY B 56 -18.76 -9.22 0.88
CA GLY B 56 -19.09 -10.14 1.94
C GLY B 56 -18.45 -9.87 3.29
N VAL B 57 -18.04 -8.65 3.56
CA VAL B 57 -17.50 -8.29 4.88
C VAL B 57 -18.64 -8.24 5.90
N PRO B 58 -18.52 -8.89 7.04
CA PRO B 58 -19.63 -8.88 8.02
C PRO B 58 -19.76 -7.54 8.70
N GLY B 59 -20.96 -7.29 9.23
CA GLY B 59 -21.24 -6.06 9.95
C GLY B 59 -20.65 -6.00 11.34
N ILE B 60 -20.08 -7.09 11.82
CA ILE B 60 -19.40 -7.14 13.11
C ILE B 60 -17.94 -7.46 12.84
N ALA B 61 -17.04 -6.74 13.51
CA ALA B 61 -15.61 -6.86 13.28
C ALA B 61 -14.92 -7.26 14.56
N GLN B 62 -14.10 -8.31 14.51
CA GLN B 62 -13.38 -8.75 15.67
C GLN B 62 -12.24 -7.78 15.94
N LEU B 63 -12.05 -7.43 17.20
CA LEU B 63 -10.91 -6.62 17.62
C LEU B 63 -10.13 -7.39 18.66
N THR B 64 -8.88 -7.70 18.34
CA THR B 64 -7.99 -8.28 19.34
C THR B 64 -7.68 -7.22 20.38
N LEU B 65 -8.02 -7.52 21.63
CA LEU B 65 -7.83 -6.55 22.70
C LEU B 65 -6.36 -6.25 22.95
N SER B 66 -5.46 -7.16 22.55
CA SER B 66 -4.03 -6.93 22.73
C SER B 66 -3.52 -5.77 21.87
N SER B 67 -3.99 -5.70 20.62
CA SER B 67 -3.61 -4.58 19.76
C SER B 67 -4.31 -3.29 20.18
N LEU B 68 -5.31 -3.36 21.04
CA LEU B 68 -6.07 -2.21 21.49
C LEU B 68 -5.72 -1.82 22.92
N ALA B 69 -4.44 -1.86 23.29
CA ALA B 69 -4.03 -1.44 24.63
C ALA B 69 -3.93 0.08 24.72
N GLU B 70 -3.04 0.68 23.93
CA GLU B 70 -2.96 2.13 23.86
C GLU B 70 -4.16 2.75 23.18
N HIS B 71 -4.86 1.97 22.34
CA HIS B 71 -6.10 2.44 21.74
C HIS B 71 -7.15 2.70 22.80
N HIS B 72 -7.12 1.97 23.92
CA HIS B 72 -8.03 2.27 25.02
C HIS B 72 -7.76 3.65 25.61
N GLU B 73 -6.49 4.03 25.77
CA GLU B 73 -6.17 5.37 26.24
C GLU B 73 -6.61 6.44 25.25
N VAL B 74 -6.33 6.20 23.96
CA VAL B 74 -6.69 7.15 22.92
C VAL B 74 -8.20 7.33 22.86
N LEU B 75 -8.94 6.24 23.03
CA LEU B 75 -10.39 6.34 23.08
C LEU B 75 -10.92 6.81 24.42
N ALA B 76 -10.11 6.74 25.48
CA ALA B 76 -10.50 7.30 26.76
C ALA B 76 -10.50 8.81 26.71
N GLU B 77 -9.54 9.40 26.01
CA GLU B 77 -9.63 10.83 25.72
C GLU B 77 -10.00 11.13 24.28
N TYR B 78 -10.74 10.23 23.63
CA TYR B 78 -11.44 10.52 22.38
C TYR B 78 -12.94 10.59 22.58
N LYS B 79 -13.47 9.78 23.49
CA LYS B 79 -14.75 9.94 24.18
C LYS B 79 -15.98 9.86 23.28
N LYS B 80 -15.86 9.32 22.06
CA LYS B 80 -17.06 9.16 21.25
C LYS B 80 -17.04 7.88 20.41
N GLY B 81 -16.40 6.83 20.90
CA GLY B 81 -16.52 5.51 20.31
C GLY B 81 -15.38 5.18 19.37
N VAL B 82 -15.17 3.90 19.13
CA VAL B 82 -14.10 3.44 18.26
C VAL B 82 -14.54 3.37 16.79
N GLY B 83 -15.84 3.24 16.53
CA GLY B 83 -16.30 3.19 15.15
C GLY B 83 -16.05 4.48 14.41
N SER B 84 -16.34 5.61 15.06
CA SER B 84 -15.96 6.89 14.48
C SER B 84 -14.45 7.09 14.50
N PHE B 85 -13.73 6.41 15.41
CA PHE B 85 -12.29 6.60 15.52
C PHE B 85 -11.56 5.95 14.35
N ILE B 86 -11.92 4.71 14.01
CA ILE B 86 -11.24 4.02 12.92
C ILE B 86 -11.83 4.36 11.58
N GLY B 87 -12.96 5.06 11.55
CA GLY B 87 -13.61 5.34 10.30
C GLY B 87 -14.64 4.32 9.88
N MET B 88 -15.08 3.45 10.79
CA MET B 88 -16.14 2.49 10.51
C MET B 88 -17.21 2.54 11.60
N PRO B 89 -17.98 3.63 11.68
CA PRO B 89 -19.02 3.71 12.72
C PRO B 89 -20.30 3.00 12.34
N GLU B 90 -20.50 2.68 11.06
CA GLU B 90 -21.73 2.02 10.63
C GLU B 90 -21.74 0.53 10.95
N SER B 91 -20.61 -0.03 11.36
CA SER B 91 -20.51 -1.45 11.67
C SER B 91 -20.52 -1.66 13.18
N LEU B 92 -21.09 -2.78 13.59
CA LEU B 92 -21.02 -3.16 15.00
C LEU B 92 -19.61 -3.67 15.32
N PHE B 93 -19.32 -3.84 16.61
CA PHE B 93 -17.99 -4.28 16.98
C PHE B 93 -18.03 -5.34 18.06
N TYR B 94 -16.97 -6.14 18.08
CA TYR B 94 -16.73 -7.19 19.06
C TYR B 94 -15.28 -7.08 19.52
N CYS B 95 -15.08 -7.24 20.82
CA CYS B 95 -13.73 -7.27 21.36
C CYS B 95 -13.47 -8.66 21.92
N SER B 96 -12.46 -9.32 21.39
CA SER B 96 -11.96 -10.58 21.92
C SER B 96 -10.56 -10.38 22.48
N LEU B 97 -10.28 -11.03 23.60
CA LEU B 97 -8.97 -10.87 24.20
C LEU B 97 -7.85 -11.58 23.44
N HIS B 98 -8.11 -12.75 22.87
CA HIS B 98 -7.04 -13.55 22.27
C HIS B 98 -6.99 -13.37 20.77
N ASP B 99 -5.84 -12.94 20.28
CA ASP B 99 -5.54 -13.00 18.84
C ASP B 99 -5.20 -14.43 18.47
N PRO B 100 -6.01 -15.09 17.64
CA PRO B 100 -5.81 -16.53 17.42
C PRO B 100 -4.59 -16.87 16.58
N VAL B 101 -3.97 -15.90 15.92
CA VAL B 101 -2.69 -16.15 15.25
C VAL B 101 -1.62 -16.52 16.27
N THR B 102 -1.59 -15.81 17.40
CA THR B 102 -0.71 -16.11 18.52
C THR B 102 -1.59 -16.46 19.71
N PRO B 103 -2.05 -17.69 19.80
CA PRO B 103 -3.07 -18.03 20.81
C PRO B 103 -2.53 -18.07 22.23
N GLY B 104 -1.38 -18.71 22.44
CA GLY B 104 -0.83 -18.84 23.76
C GLY B 104 -0.36 -20.25 24.08
N PRO B 105 0.29 -20.41 25.23
CA PRO B 105 0.90 -21.71 25.57
C PRO B 105 -0.09 -22.64 26.23
N ALA B 106 0.43 -23.76 26.75
CA ALA B 106 -0.40 -24.73 27.48
C ALA B 106 -1.07 -24.11 28.69
N GLY B 107 -0.41 -23.14 29.34
CA GLY B 107 -1.09 -22.30 30.31
C GLY B 107 -0.27 -21.11 30.77
N TYR B 108 -0.83 -19.90 30.65
CA TYR B 108 -0.20 -18.71 31.20
C TYR B 108 -1.23 -17.76 31.78
N VAL B 109 -2.51 -18.02 31.57
CA VAL B 109 -3.59 -17.16 32.04
C VAL B 109 -3.73 -17.29 33.54
N THR B 110 -4.11 -16.19 34.18
CA THR B 110 -4.38 -16.14 35.61
C THR B 110 -5.88 -16.20 35.84
N SER B 111 -6.28 -16.23 37.11
CA SER B 111 -7.69 -16.37 37.45
C SER B 111 -8.28 -15.10 38.06
N LYS B 112 -7.59 -13.97 37.94
CA LYS B 112 -8.20 -12.65 38.10
C LYS B 112 -7.86 -11.72 36.94
N SER B 113 -7.13 -12.22 35.94
CA SER B 113 -6.65 -11.42 34.82
C SER B 113 -6.42 -12.34 33.64
N VAL B 114 -6.52 -11.76 32.44
CA VAL B 114 -6.20 -12.48 31.19
C VAL B 114 -5.14 -11.69 30.45
N SER B 115 -3.98 -12.31 30.25
CA SER B 115 -2.99 -11.72 29.37
C SER B 115 -3.44 -11.85 27.93
N VAL B 116 -3.14 -10.83 27.14
CA VAL B 116 -3.58 -10.75 25.75
C VAL B 116 -2.35 -10.73 24.85
N TRP B 117 -2.30 -11.66 23.91
CA TRP B 117 -1.13 -11.86 23.07
C TRP B 117 -1.21 -10.94 21.87
N GLY B 118 -0.17 -10.15 21.67
CA GLY B 118 -0.23 -9.05 20.73
C GLY B 118 0.73 -7.95 21.13
N PHE B 119 0.23 -6.74 21.35
CA PHE B 119 1.07 -5.59 21.59
C PHE B 119 0.81 -4.90 22.93
N GLY B 120 -0.08 -5.42 23.77
CA GLY B 120 -0.28 -4.80 25.06
C GLY B 120 -1.36 -5.36 25.97
N GLY B 121 -1.06 -5.50 27.27
CA GLY B 121 -2.02 -5.97 28.25
C GLY B 121 -1.64 -7.20 29.06
N ARG B 122 -0.35 -7.36 29.36
CA ARG B 122 0.16 -8.52 30.10
C ARG B 122 -0.19 -8.51 31.58
N VAL B 123 0.34 -7.54 32.32
CA VAL B 123 0.43 -7.63 33.78
C VAL B 123 -0.78 -6.95 34.41
N GLU B 124 -1.55 -7.74 35.16
CA GLU B 124 -2.61 -7.26 36.05
C GLU B 124 -3.69 -6.48 35.29
N MET B 125 -4.35 -7.18 34.37
CA MET B 125 -5.51 -6.62 33.66
C MET B 125 -6.73 -7.05 34.49
N THR B 126 -7.25 -6.13 35.28
CA THR B 126 -8.36 -6.48 36.14
C THR B 126 -9.66 -6.55 35.34
N VAL B 127 -10.72 -6.98 36.01
CA VAL B 127 -12.04 -6.89 35.41
C VAL B 127 -12.44 -5.43 35.24
N SER B 128 -12.06 -4.57 36.21
CA SER B 128 -12.34 -3.15 36.12
C SER B 128 -11.52 -2.47 35.03
N LYS B 129 -10.30 -2.95 34.78
CA LYS B 129 -9.53 -2.47 33.63
C LYS B 129 -10.26 -2.81 32.34
N PHE B 130 -10.82 -4.01 32.26
CA PHE B 130 -11.65 -4.37 31.12
C PHE B 130 -12.91 -3.50 31.07
N MET B 131 -13.42 -3.06 32.24
CA MET B 131 -14.58 -2.19 32.26
C MET B 131 -14.24 -0.83 31.66
N ALA B 132 -13.09 -0.28 32.03
CA ALA B 132 -12.65 0.99 31.46
C ALA B 132 -12.38 0.84 29.97
N ILE B 133 -11.80 -0.29 29.57
CA ILE B 133 -11.51 -0.52 28.15
C ILE B 133 -12.80 -0.59 27.35
N GLN B 134 -13.80 -1.31 27.85
CA GLN B 134 -15.05 -1.39 27.09
C GLN B 134 -15.86 -0.11 27.20
N GLU B 135 -15.61 0.72 28.22
CA GLU B 135 -16.26 2.03 28.25
C GLU B 135 -15.67 2.94 27.19
N ALA B 136 -14.35 2.89 27.01
CA ALA B 136 -13.71 3.71 25.97
C ALA B 136 -14.06 3.20 24.58
N LEU B 137 -13.94 1.90 24.35
CA LEU B 137 -14.24 1.32 23.03
C LEU B 137 -15.72 1.42 22.70
N GLN B 138 -16.59 1.26 23.69
CA GLN B 138 -18.03 1.09 23.52
C GLN B 138 -18.34 0.01 22.50
N PRO B 139 -18.05 -1.26 22.77
CA PRO B 139 -18.38 -2.30 21.81
C PRO B 139 -19.81 -2.77 21.98
N ASP B 140 -20.33 -3.35 20.92
CA ASP B 140 -21.67 -3.94 20.98
C ASP B 140 -21.65 -5.21 21.83
N TRP B 141 -20.67 -6.07 21.59
CA TRP B 141 -20.45 -7.28 22.36
C TRP B 141 -19.02 -7.26 22.88
N PHE B 142 -18.76 -8.02 23.94
CA PHE B 142 -17.40 -8.10 24.44
C PHE B 142 -17.23 -9.43 25.16
N GLN B 143 -16.03 -9.99 25.08
CA GLN B 143 -15.74 -11.29 25.66
C GLN B 143 -15.26 -11.12 27.10
N CYS B 144 -15.86 -11.87 28.01
CA CYS B 144 -15.45 -11.87 29.41
C CYS B 144 -14.13 -12.59 29.57
N LEU B 145 -13.56 -12.53 30.76
CA LEU B 145 -12.23 -13.09 31.00
C LEU B 145 -12.34 -14.60 31.28
N SER B 146 -11.20 -15.23 31.56
CA SER B 146 -11.14 -16.69 31.59
C SER B 146 -9.91 -17.15 32.38
N ASP B 147 -9.88 -18.46 32.68
CA ASP B 147 -8.73 -19.14 33.24
C ASP B 147 -8.88 -20.63 33.03
N GLY B 148 -7.76 -21.36 33.08
CA GLY B 148 -7.82 -22.80 33.08
C GLY B 148 -7.51 -23.48 31.75
N GLU B 149 -6.45 -23.03 31.08
CA GLU B 149 -6.07 -23.47 29.74
C GLU B 149 -5.49 -24.86 29.68
N ALA B 150 -5.64 -25.72 30.70
CA ALA B 150 -4.92 -26.99 30.77
C ALA B 150 -5.26 -27.95 29.64
N SER B 151 -6.37 -27.72 28.93
CA SER B 151 -6.70 -28.58 27.79
C SER B 151 -5.76 -28.37 26.62
N CYS B 152 -5.01 -27.27 26.61
CA CYS B 152 -4.07 -27.00 25.55
C CYS B 152 -2.91 -27.98 25.57
N SER B 157 -7.44 -32.60 35.88
CA SER B 157 -8.11 -33.37 36.92
C SER B 157 -9.29 -32.60 37.49
N ILE B 158 -9.86 -33.10 38.58
CA ILE B 158 -11.15 -32.63 39.07
C ILE B 158 -11.02 -31.32 39.83
N LYS B 159 -10.35 -31.34 40.98
CA LYS B 159 -10.45 -30.25 41.97
C LYS B 159 -9.83 -28.97 41.46
N ARG B 160 -8.69 -29.07 40.76
CA ARG B 160 -8.08 -27.89 40.17
C ARG B 160 -8.98 -27.29 39.09
N ALA B 161 -9.68 -28.13 38.33
CA ALA B 161 -10.66 -27.61 37.38
C ALA B 161 -11.85 -27.00 38.09
N ARG B 162 -12.22 -27.51 39.28
CA ARG B 162 -13.26 -26.87 40.07
C ARG B 162 -12.85 -25.46 40.47
N LYS B 163 -11.60 -25.29 40.90
CA LYS B 163 -11.10 -23.97 41.23
C LYS B 163 -11.08 -23.05 40.01
N SER B 164 -10.66 -23.60 38.86
CA SER B 164 -10.62 -22.82 37.62
C SER B 164 -12.01 -22.37 37.20
N VAL B 165 -13.00 -23.26 37.26
CA VAL B 165 -14.37 -22.93 36.87
C VAL B 165 -15.00 -21.94 37.84
N ASP B 166 -14.73 -22.09 39.14
CA ASP B 166 -15.23 -21.12 40.12
C ASP B 166 -14.65 -19.73 39.86
N ARG B 167 -13.38 -19.67 39.46
CA ARG B 167 -12.81 -18.37 39.13
C ARG B 167 -13.38 -17.80 37.83
N SER B 168 -13.65 -18.67 36.85
CA SER B 168 -14.29 -18.22 35.62
C SER B 168 -15.72 -17.76 35.82
N LEU B 169 -16.40 -18.24 36.86
CA LEU B 169 -17.65 -17.63 37.31
C LEU B 169 -17.45 -16.34 38.10
N LEU B 170 -16.35 -16.22 38.83
CA LEU B 170 -16.05 -14.97 39.52
C LEU B 170 -15.87 -13.83 38.51
N PHE B 171 -15.25 -14.13 37.36
CA PHE B 171 -15.12 -13.13 36.31
C PHE B 171 -16.48 -12.64 35.83
N LEU B 172 -17.38 -13.56 35.51
CA LEU B 172 -18.69 -13.19 34.99
C LEU B 172 -19.52 -12.45 36.03
N ASP B 173 -19.40 -12.84 37.30
CA ASP B 173 -20.08 -12.11 38.38
C ASP B 173 -19.58 -10.67 38.48
N SER B 174 -18.26 -10.49 38.40
CA SER B 174 -17.70 -9.13 38.46
C SER B 174 -18.14 -8.30 37.26
N CYS B 175 -18.15 -8.91 36.07
CA CYS B 175 -18.57 -8.18 34.87
C CYS B 175 -20.03 -7.77 34.95
N LEU B 176 -20.89 -8.67 35.44
CA LEU B 176 -22.30 -8.34 35.54
C LEU B 176 -22.56 -7.30 36.62
N ARG B 177 -21.76 -7.31 37.69
CA ARG B 177 -21.92 -6.31 38.73
C ARG B 177 -21.49 -4.93 38.24
N LEU B 178 -20.37 -4.85 37.51
CA LEU B 178 -19.86 -3.56 37.06
C LEU B 178 -20.43 -3.12 35.72
N GLN B 179 -21.29 -3.93 35.09
CA GLN B 179 -21.89 -3.57 33.81
C GLN B 179 -23.23 -2.88 33.96
N GLU B 180 -23.92 -3.06 35.08
CA GLU B 180 -25.28 -2.54 35.25
C GLU B 180 -25.33 -1.05 35.56
N GLU B 181 -24.20 -0.36 35.60
CA GLU B 181 -24.17 1.04 36.07
C GLU B 181 -24.50 2.05 34.97
N SER B 182 -23.65 2.12 33.94
CA SER B 182 -23.73 3.19 32.95
C SER B 182 -24.67 2.81 31.80
N GLU B 183 -25.35 3.83 31.26
CA GLU B 183 -26.42 3.61 30.29
C GLU B 183 -25.89 3.08 28.96
N VAL B 184 -24.84 3.72 28.42
CA VAL B 184 -24.25 3.22 27.18
C VAL B 184 -23.55 1.89 27.43
N LEU B 185 -23.01 1.69 28.62
CA LEU B 185 -22.46 0.38 28.94
C LEU B 185 -23.57 -0.61 29.20
N GLN B 186 -24.72 -0.15 29.71
CA GLN B 186 -25.91 -1.01 29.75
C GLN B 186 -26.38 -1.39 28.36
N LYS B 187 -26.10 -0.56 27.36
CA LYS B 187 -26.34 -0.92 25.96
C LYS B 187 -25.31 -1.90 25.42
N SER B 188 -24.23 -2.16 26.15
CA SER B 188 -23.22 -3.12 25.76
C SER B 188 -23.49 -4.47 26.42
N VAL B 189 -23.10 -5.55 25.73
CA VAL B 189 -23.59 -6.90 26.02
C VAL B 189 -22.44 -7.81 26.42
N ILE B 190 -22.59 -8.50 27.55
CA ILE B 190 -21.65 -9.50 28.03
C ILE B 190 -21.78 -10.81 27.26
N ILE B 191 -20.63 -11.44 27.00
CA ILE B 191 -20.52 -12.76 26.39
C ILE B 191 -19.76 -13.66 27.35
N GLY B 192 -20.35 -14.81 27.69
CA GLY B 192 -19.79 -15.68 28.72
C GLY B 192 -18.72 -16.64 28.20
N VAL B 193 -17.96 -17.20 29.15
CA VAL B 193 -16.83 -18.07 28.84
C VAL B 193 -17.04 -19.41 29.54
N ILE B 194 -16.83 -20.51 28.80
CA ILE B 194 -16.94 -21.87 29.33
C ILE B 194 -15.53 -22.42 29.47
N GLU B 195 -15.24 -23.01 30.63
CA GLU B 195 -13.89 -23.49 30.93
C GLU B 195 -13.99 -24.92 31.46
N GLY B 196 -12.87 -25.44 31.94
CA GLY B 196 -12.86 -26.73 32.60
C GLY B 196 -11.71 -27.63 32.21
N GLY B 197 -11.31 -27.58 30.94
CA GLY B 197 -10.22 -28.38 30.43
C GLY B 197 -10.72 -29.62 29.68
N ASP B 198 -9.95 -30.70 29.79
CA ASP B 198 -10.32 -31.98 29.21
C ASP B 198 -11.28 -32.77 30.09
N VAL B 199 -11.57 -32.28 31.30
CA VAL B 199 -12.38 -33.04 32.24
C VAL B 199 -13.84 -32.97 31.83
N MET B 200 -14.53 -34.11 31.96
CA MET B 200 -15.92 -34.19 31.54
C MET B 200 -16.83 -33.40 32.48
N GLU B 201 -16.90 -33.84 33.74
CA GLU B 201 -17.91 -33.30 34.66
C GLU B 201 -17.64 -31.85 35.02
N GLU B 202 -16.37 -31.44 35.05
CA GLU B 202 -16.06 -30.08 35.46
C GLU B 202 -16.45 -29.07 34.39
N ARG B 203 -16.21 -29.39 33.12
CA ARG B 203 -16.68 -28.50 32.07
C ARG B 203 -18.21 -28.58 31.94
N LEU B 204 -18.81 -29.74 32.26
CA LEU B 204 -20.27 -29.82 32.30
C LEU B 204 -20.86 -28.88 33.34
N ARG B 205 -20.31 -28.90 34.56
CA ARG B 205 -20.80 -28.01 35.60
C ARG B 205 -20.41 -26.57 35.34
N SER B 206 -19.34 -26.32 34.57
CA SER B 206 -19.02 -24.96 34.14
C SER B 206 -20.12 -24.39 33.26
N ALA B 207 -20.55 -25.18 32.28
CA ALA B 207 -21.68 -24.78 31.44
C ALA B 207 -22.94 -24.59 32.28
N ARG B 208 -23.22 -25.54 33.18
CA ARG B 208 -24.46 -25.52 33.95
C ARG B 208 -24.53 -24.31 34.88
N GLU B 209 -23.42 -23.98 35.56
CA GLU B 209 -23.43 -22.89 36.52
C GLU B 209 -23.00 -21.56 35.92
N THR B 210 -22.59 -21.53 34.66
CA THR B 210 -22.33 -20.27 33.99
C THR B 210 -23.55 -19.82 33.18
N ALA B 211 -24.43 -20.77 32.82
CA ALA B 211 -25.63 -20.44 32.07
C ALA B 211 -26.62 -19.59 32.86
N LYS B 212 -26.70 -19.78 34.18
CA LYS B 212 -27.76 -19.18 34.98
C LYS B 212 -27.63 -17.67 35.12
N ARG B 213 -26.48 -17.10 34.81
CA ARG B 213 -26.28 -15.66 34.88
C ARG B 213 -26.95 -14.96 33.70
N PRO B 214 -27.44 -13.72 33.89
CA PRO B 214 -28.09 -12.99 32.77
C PRO B 214 -27.11 -12.41 31.76
N VAL B 215 -26.69 -13.26 30.82
CA VAL B 215 -25.59 -12.97 29.91
C VAL B 215 -26.10 -13.07 28.49
N GLY B 216 -25.49 -12.28 27.59
CA GLY B 216 -25.90 -12.32 26.20
C GLY B 216 -25.49 -13.60 25.48
N GLY B 217 -24.21 -13.95 25.53
CA GLY B 217 -23.75 -15.06 24.71
C GLY B 217 -22.65 -15.84 25.41
N PHE B 218 -22.10 -16.81 24.69
CA PHE B 218 -21.15 -17.74 25.28
C PHE B 218 -19.96 -17.99 24.35
N LEU B 219 -18.84 -18.35 24.99
CA LEU B 219 -17.58 -18.64 24.32
C LEU B 219 -17.11 -20.01 24.73
N LEU B 220 -16.45 -20.72 23.82
CA LEU B 220 -15.79 -21.98 24.11
C LEU B 220 -14.29 -21.77 24.05
N ASP B 221 -13.59 -22.10 25.12
CA ASP B 221 -12.18 -21.76 25.26
C ASP B 221 -11.35 -23.00 25.58
N GLY B 222 -10.07 -22.96 25.21
CA GLY B 222 -9.20 -24.09 25.43
C GLY B 222 -9.41 -25.24 24.48
N PHE B 223 -9.69 -24.96 23.20
CA PHE B 223 -9.96 -25.99 22.20
C PHE B 223 -8.95 -25.95 21.06
N GLN B 224 -7.73 -25.52 21.32
CA GLN B 224 -6.74 -25.40 20.26
C GLN B 224 -6.25 -26.78 19.84
N GLY B 225 -5.88 -26.92 18.58
CA GLY B 225 -5.39 -28.18 18.05
C GLY B 225 -3.96 -28.47 18.46
N VAL B 229 -6.39 -31.21 16.43
CA VAL B 229 -7.62 -31.41 17.18
C VAL B 229 -7.80 -32.89 17.50
N THR B 230 -8.39 -33.20 18.65
CA THR B 230 -8.59 -34.57 19.11
C THR B 230 -10.08 -34.87 19.21
N GLU B 231 -10.40 -36.15 19.34
CA GLU B 231 -11.79 -36.56 19.56
C GLU B 231 -12.26 -36.27 20.98
N THR B 232 -11.33 -36.17 21.94
CA THR B 232 -11.68 -35.88 23.32
C THR B 232 -12.37 -34.53 23.44
N ARG B 233 -11.73 -33.48 22.90
CA ARG B 233 -12.33 -32.16 22.88
C ARG B 233 -13.58 -32.13 22.01
N LEU B 234 -13.67 -33.01 21.02
CA LEU B 234 -14.86 -33.04 20.16
C LEU B 234 -16.09 -33.50 20.93
N HIS B 235 -16.01 -34.62 21.65
CA HIS B 235 -17.23 -35.00 22.37
C HIS B 235 -17.43 -34.18 23.63
N LEU B 236 -16.37 -33.59 24.19
CA LEU B 236 -16.55 -32.61 25.26
C LEU B 236 -17.38 -31.44 24.77
N LEU B 237 -17.07 -30.94 23.57
CA LEU B 237 -17.87 -29.88 22.94
C LEU B 237 -19.30 -30.34 22.72
N SER B 238 -19.48 -31.58 22.25
CA SER B 238 -20.80 -32.10 21.95
C SER B 238 -21.68 -32.16 23.18
N SER B 239 -21.12 -32.54 24.32
CA SER B 239 -21.91 -32.57 25.55
C SER B 239 -22.16 -31.16 26.10
N VAL B 240 -21.13 -30.32 26.09
CA VAL B 240 -21.21 -29.03 26.79
C VAL B 240 -22.15 -28.07 26.08
N THR B 241 -22.09 -28.00 24.75
CA THR B 241 -23.07 -27.19 24.04
C THR B 241 -24.48 -27.76 24.13
N ALA B 242 -24.62 -29.05 24.42
CA ALA B 242 -25.93 -29.60 24.73
C ALA B 242 -26.40 -29.17 26.11
N GLU B 243 -25.47 -28.92 27.03
CA GLU B 243 -25.85 -28.51 28.38
C GLU B 243 -26.29 -27.05 28.49
N LEU B 244 -25.92 -26.20 27.54
CA LEU B 244 -26.21 -24.77 27.58
C LEU B 244 -27.58 -24.48 26.96
N PRO B 245 -28.23 -23.39 27.36
CA PRO B 245 -29.53 -23.06 26.77
C PRO B 245 -29.39 -22.58 25.34
N GLU B 246 -30.48 -22.75 24.59
CA GLU B 246 -30.48 -22.50 23.15
C GLU B 246 -30.92 -21.08 22.79
N ASP B 247 -30.93 -20.17 23.75
CA ASP B 247 -31.33 -18.79 23.50
C ASP B 247 -30.13 -17.85 23.37
N LYS B 248 -28.92 -18.37 23.29
CA LYS B 248 -27.71 -17.56 23.36
C LYS B 248 -26.71 -17.98 22.29
N PRO B 249 -25.91 -17.06 21.77
CA PRO B 249 -24.88 -17.44 20.80
C PRO B 249 -23.70 -18.12 21.45
N ARG B 250 -23.05 -18.99 20.68
CA ARG B 250 -21.87 -19.73 21.11
C ARG B 250 -20.68 -19.24 20.31
N LEU B 251 -19.56 -18.97 20.98
CA LEU B 251 -18.35 -18.59 20.27
C LEU B 251 -17.21 -19.53 20.66
N ILE B 252 -16.11 -19.42 19.91
CA ILE B 252 -14.93 -20.26 20.10
C ILE B 252 -13.71 -19.48 19.61
N CYS B 253 -12.53 -19.89 20.08
CA CYS B 253 -11.30 -19.23 19.72
C CYS B 253 -10.26 -20.26 19.31
N GLY B 254 -9.37 -19.86 18.40
CA GLY B 254 -8.27 -20.71 17.96
C GLY B 254 -8.64 -21.75 16.94
N VAL B 255 -9.86 -21.75 16.42
CA VAL B 255 -10.32 -22.73 15.43
C VAL B 255 -10.82 -21.98 14.21
N SER B 256 -10.11 -22.08 13.09
CA SER B 256 -10.56 -21.44 11.86
C SER B 256 -10.39 -22.27 10.60
N ARG B 257 -9.66 -23.38 10.62
CA ARG B 257 -9.51 -24.19 9.42
C ARG B 257 -10.86 -24.85 9.08
N PRO B 258 -11.21 -24.92 7.79
CA PRO B 258 -12.63 -25.17 7.42
C PRO B 258 -13.22 -26.49 7.89
N ASP B 259 -12.44 -27.57 7.96
CA ASP B 259 -13.03 -28.83 8.39
C ASP B 259 -13.28 -28.85 9.90
N GLU B 260 -12.39 -28.25 10.69
CA GLU B 260 -12.72 -28.05 12.10
C GLU B 260 -13.88 -27.07 12.28
N VAL B 261 -14.03 -26.11 11.36
CA VAL B 261 -15.20 -25.24 11.41
C VAL B 261 -16.48 -26.04 11.18
N LEU B 262 -16.46 -26.97 10.23
CA LEU B 262 -17.63 -27.80 9.99
C LEU B 262 -17.92 -28.72 11.18
N GLU B 263 -16.86 -29.28 11.79
CA GLU B 263 -17.07 -30.16 12.93
C GLU B 263 -17.58 -29.38 14.15
N CYS B 264 -17.13 -28.14 14.34
CA CYS B 264 -17.64 -27.36 15.46
C CYS B 264 -19.04 -26.85 15.20
N ILE B 265 -19.39 -26.62 13.93
CA ILE B 265 -20.77 -26.27 13.60
C ILE B 265 -21.70 -27.44 13.90
N GLU B 266 -21.31 -28.66 13.53
CA GLU B 266 -22.15 -29.79 13.89
C GLU B 266 -22.03 -30.17 15.36
N ARG B 267 -21.08 -29.61 16.10
CA ARG B 267 -21.00 -29.83 17.54
C ARG B 267 -21.52 -28.67 18.38
N GLY B 268 -21.91 -27.55 17.77
CA GLY B 268 -22.62 -26.53 18.53
C GLY B 268 -21.98 -25.17 18.73
N VAL B 269 -21.22 -24.68 17.76
CA VAL B 269 -20.61 -23.35 17.84
C VAL B 269 -21.23 -22.47 16.76
N ASP B 270 -21.53 -21.22 17.11
CA ASP B 270 -22.20 -20.29 16.21
C ASP B 270 -21.24 -19.38 15.47
N LEU B 271 -20.27 -18.79 16.16
CA LEU B 271 -19.42 -17.79 15.55
C LEU B 271 -17.96 -18.24 15.58
N PHE B 272 -17.19 -17.80 14.58
CA PHE B 272 -15.79 -18.18 14.44
C PHE B 272 -14.96 -16.96 14.08
N GLU B 273 -13.66 -17.08 14.34
CA GLU B 273 -12.69 -16.08 13.92
C GLU B 273 -12.23 -16.37 12.49
N SER B 274 -11.33 -15.55 11.98
CA SER B 274 -10.94 -15.63 10.57
C SER B 274 -9.44 -15.46 10.41
N PHE B 275 -8.65 -16.14 11.24
CA PHE B 275 -7.21 -15.97 11.20
C PHE B 275 -6.50 -16.98 10.29
N PHE B 276 -7.25 -17.86 9.62
CA PHE B 276 -6.65 -18.84 8.73
C PHE B 276 -6.26 -18.28 7.36
N PRO B 277 -7.10 -17.48 6.66
CA PRO B 277 -6.60 -16.85 5.43
C PRO B 277 -5.43 -15.90 5.63
N TYR B 278 -5.30 -15.29 6.81
CA TYR B 278 -4.08 -14.55 7.12
C TYR B 278 -2.87 -15.47 7.13
N GLN B 279 -3.01 -16.68 7.67
CA GLN B 279 -1.92 -17.64 7.65
C GLN B 279 -1.64 -18.14 6.23
N VAL B 280 -2.68 -18.25 5.41
CA VAL B 280 -2.49 -18.65 4.01
C VAL B 280 -1.69 -17.60 3.26
N THR B 281 -2.01 -16.33 3.47
CA THR B 281 -1.30 -15.27 2.78
C THR B 281 0.09 -15.03 3.35
N GLU B 282 0.29 -15.28 4.65
CA GLU B 282 1.59 -15.04 5.27
C GLU B 282 2.66 -15.98 4.73
N ARG B 283 2.33 -17.25 4.50
CA ARG B 283 3.30 -18.19 3.97
C ARG B 283 3.39 -18.13 2.44
N GLY B 284 2.67 -17.21 1.81
CA GLY B 284 2.78 -17.04 0.38
C GLY B 284 1.98 -18.02 -0.45
N CYS B 285 0.88 -18.55 0.08
CA CYS B 285 0.04 -19.47 -0.63
C CYS B 285 -1.32 -18.85 -0.91
N ALA B 286 -2.08 -19.50 -1.78
CA ALA B 286 -3.42 -19.06 -2.10
C ALA B 286 -4.37 -20.24 -2.05
N LEU B 287 -5.51 -20.05 -1.38
CA LEU B 287 -6.50 -21.10 -1.26
C LEU B 287 -7.20 -21.35 -2.59
N THR B 288 -7.54 -22.62 -2.85
CA THR B 288 -8.16 -23.02 -4.10
C THR B 288 -9.41 -23.87 -3.98
N PHE B 289 -9.78 -24.35 -2.80
CA PHE B 289 -10.87 -25.31 -2.69
C PHE B 289 -12.21 -24.65 -3.00
N THR B 290 -13.07 -25.38 -3.70
CA THR B 290 -14.36 -24.84 -4.13
C THR B 290 -15.35 -24.97 -2.99
N PHE B 291 -15.79 -23.83 -2.46
CA PHE B 291 -16.79 -23.84 -1.39
C PHE B 291 -18.17 -24.20 -1.90
N ASP B 292 -18.45 -23.91 -3.17
CA ASP B 292 -19.76 -24.17 -3.75
C ASP B 292 -19.66 -24.41 -5.25
N PHE B 332 -7.33 -27.39 -2.34
CA PHE B 332 -7.15 -26.72 -1.07
C PHE B 332 -6.41 -25.40 -1.25
N GLU B 333 -5.10 -25.49 -1.45
CA GLU B 333 -4.27 -24.31 -1.62
C GLU B 333 -3.09 -24.67 -2.52
N ILE B 334 -2.49 -23.63 -3.11
CA ILE B 334 -1.34 -23.76 -3.99
C ILE B 334 -0.28 -22.77 -3.55
N ASN B 335 0.99 -23.17 -3.65
CA ASN B 335 2.11 -22.26 -3.46
C ASN B 335 2.58 -21.82 -4.84
N LEU B 336 2.51 -20.52 -5.11
CA LEU B 336 2.83 -19.98 -6.42
C LEU B 336 4.31 -19.98 -6.72
N LYS B 337 5.17 -20.27 -5.74
CA LYS B 337 6.61 -20.23 -5.95
C LYS B 337 7.12 -21.39 -6.81
N GLU B 338 6.27 -22.36 -7.12
CA GLU B 338 6.58 -23.33 -8.16
C GLU B 338 6.61 -22.64 -9.52
N LYS B 339 7.44 -23.15 -10.41
CA LYS B 339 7.68 -22.49 -11.69
C LYS B 339 6.64 -22.85 -12.76
N LYS B 340 5.65 -23.67 -12.44
CA LYS B 340 4.74 -24.17 -13.47
C LYS B 340 3.65 -23.17 -13.87
N TYR B 341 3.42 -22.11 -13.10
CA TYR B 341 2.32 -21.19 -13.36
C TYR B 341 2.77 -19.89 -14.02
N GLN B 342 4.04 -19.76 -14.38
CA GLN B 342 4.53 -18.49 -14.90
C GLN B 342 4.18 -18.26 -16.36
N GLU B 343 3.53 -19.22 -17.02
CA GLU B 343 3.08 -19.04 -18.38
C GLU B 343 1.58 -18.85 -18.51
N ASP B 344 0.80 -19.29 -17.53
CA ASP B 344 -0.66 -19.27 -17.64
C ASP B 344 -1.19 -17.84 -17.55
N PHE B 345 -2.20 -17.58 -18.36
CA PHE B 345 -2.90 -16.30 -18.36
C PHE B 345 -4.17 -16.34 -17.52
N ASP B 346 -4.49 -17.48 -16.92
CA ASP B 346 -5.66 -17.60 -16.08
C ASP B 346 -5.40 -17.05 -14.69
N PRO B 347 -6.43 -16.54 -14.00
CA PRO B 347 -6.26 -16.11 -12.61
C PRO B 347 -6.10 -17.28 -11.65
N LEU B 348 -5.96 -16.99 -10.35
CA LEU B 348 -5.77 -18.05 -9.37
C LEU B 348 -6.99 -18.95 -9.26
N VAL B 349 -8.17 -18.36 -9.18
CA VAL B 349 -9.43 -19.09 -9.19
C VAL B 349 -10.28 -18.56 -10.32
N ARG B 350 -10.67 -19.44 -11.22
CA ARG B 350 -11.52 -19.05 -12.34
C ARG B 350 -12.91 -18.70 -11.82
N GLY B 351 -13.43 -17.57 -12.29
CA GLY B 351 -14.74 -17.10 -11.85
C GLY B 351 -14.76 -16.40 -10.52
N CYS B 352 -13.60 -16.22 -9.87
CA CYS B 352 -13.56 -15.51 -8.61
C CYS B 352 -13.80 -14.02 -8.83
N SER B 353 -14.60 -13.42 -7.94
CA SER B 353 -15.02 -12.04 -8.08
C SER B 353 -14.14 -11.07 -7.30
N CYS B 354 -13.01 -11.53 -6.76
CA CYS B 354 -12.11 -10.60 -6.08
C CYS B 354 -11.35 -9.76 -7.10
N TYR B 355 -10.70 -8.72 -6.59
CA TYR B 355 -9.99 -7.76 -7.43
C TYR B 355 -8.82 -8.42 -8.15
N CYS B 356 -8.07 -9.28 -7.44
CA CYS B 356 -6.88 -9.93 -8.00
C CYS B 356 -7.23 -10.84 -9.16
N CYS B 357 -8.25 -11.67 -9.00
CA CYS B 357 -8.69 -12.51 -10.09
C CYS B 357 -9.41 -11.71 -11.17
N LYS B 358 -9.92 -10.53 -10.84
CA LYS B 358 -10.60 -9.74 -11.86
C LYS B 358 -9.61 -9.10 -12.83
N ASN B 359 -8.51 -8.54 -12.33
CA ASN B 359 -7.61 -7.85 -13.25
C ASN B 359 -6.28 -8.56 -13.47
N HIS B 360 -5.64 -9.05 -12.41
CA HIS B 360 -4.28 -9.56 -12.52
C HIS B 360 -4.28 -11.00 -13.04
N THR B 361 -3.09 -11.51 -13.33
CA THR B 361 -2.89 -12.89 -13.72
C THR B 361 -1.98 -13.57 -12.72
N ARG B 362 -2.00 -14.91 -12.73
CA ARG B 362 -1.22 -15.68 -11.77
C ARG B 362 0.27 -15.56 -12.02
N ALA B 363 0.68 -15.29 -13.26
CA ALA B 363 2.09 -15.12 -13.57
C ALA B 363 2.66 -13.89 -12.89
N TYR B 364 1.88 -12.80 -12.82
CA TYR B 364 2.37 -11.61 -12.15
C TYR B 364 2.49 -11.83 -10.66
N ILE B 365 1.54 -12.57 -10.06
CA ILE B 365 1.62 -12.87 -8.64
C ILE B 365 2.86 -13.70 -8.36
N HIS B 366 3.13 -14.69 -9.23
CA HIS B 366 4.34 -15.49 -9.12
C HIS B 366 5.58 -14.60 -9.24
N HIS B 367 5.57 -13.69 -10.22
CA HIS B 367 6.69 -12.79 -10.46
C HIS B 367 6.98 -11.89 -9.27
N LEU B 368 5.95 -11.32 -8.67
CA LEU B 368 6.21 -10.37 -7.61
C LEU B 368 6.48 -11.08 -6.29
N LEU B 369 6.02 -12.33 -6.15
CA LEU B 369 6.49 -13.17 -5.05
C LEU B 369 7.95 -13.55 -5.22
N MET B 370 8.44 -13.66 -6.47
CA MET B 370 9.86 -13.89 -6.66
C MET B 370 10.70 -12.70 -6.19
N THR B 371 10.28 -11.48 -6.50
CA THR B 371 11.04 -10.30 -6.11
C THR B 371 10.70 -9.80 -4.73
N ASN B 372 9.65 -10.36 -4.10
CA ASN B 372 9.29 -10.09 -2.71
C ASN B 372 8.99 -8.61 -2.46
N GLU B 373 7.93 -8.13 -3.10
CA GLU B 373 7.43 -6.78 -2.85
C GLU B 373 6.08 -6.84 -2.16
N LEU B 374 5.58 -5.68 -1.77
CA LEU B 374 4.47 -5.58 -0.84
C LEU B 374 3.09 -5.65 -1.50
N LEU B 375 3.03 -5.77 -2.83
CA LEU B 375 1.75 -5.67 -3.53
C LEU B 375 1.03 -7.02 -3.63
N ALA B 376 1.76 -8.12 -3.86
CA ALA B 376 1.10 -9.42 -3.98
C ALA B 376 0.52 -9.86 -2.65
N GLY B 377 1.11 -9.43 -1.55
CA GLY B 377 0.47 -9.64 -0.27
C GLY B 377 -0.91 -9.02 -0.20
N VAL B 378 -1.06 -7.81 -0.73
CA VAL B 378 -2.35 -7.13 -0.77
C VAL B 378 -3.31 -7.89 -1.70
N LEU B 379 -2.85 -8.25 -2.90
CA LEU B 379 -3.74 -8.89 -3.86
C LEU B 379 -4.18 -10.27 -3.38
N LEU B 380 -3.22 -11.07 -2.88
CA LEU B 380 -3.53 -12.36 -2.30
C LEU B 380 -4.43 -12.23 -1.09
N MET B 381 -4.22 -11.17 -0.29
CA MET B 381 -4.96 -11.04 0.96
C MET B 381 -6.41 -10.72 0.66
N MET B 382 -6.64 -9.88 -0.35
CA MET B 382 -7.97 -9.67 -0.91
C MET B 382 -8.58 -10.98 -1.38
N HIS B 383 -7.80 -11.77 -2.12
CA HIS B 383 -8.35 -13.02 -2.66
C HIS B 383 -8.69 -14.02 -1.55
N ASN B 384 -7.83 -14.12 -0.52
CA ASN B 384 -8.10 -15.04 0.58
C ASN B 384 -9.32 -14.61 1.39
N PHE B 385 -9.44 -13.32 1.70
CA PHE B 385 -10.66 -12.84 2.37
C PHE B 385 -11.91 -13.08 1.54
N GLU B 386 -11.85 -12.81 0.23
CA GLU B 386 -13.02 -13.03 -0.60
C GLU B 386 -13.42 -14.50 -0.64
N HIS B 387 -12.43 -15.39 -0.81
CA HIS B 387 -12.70 -16.82 -0.82
C HIS B 387 -13.23 -17.31 0.53
N TYR B 388 -12.65 -16.83 1.62
CA TYR B 388 -12.94 -17.37 2.93
C TYR B 388 -14.30 -16.88 3.45
N PHE B 389 -14.61 -15.61 3.21
CA PHE B 389 -15.94 -15.12 3.56
C PHE B 389 -16.99 -15.63 2.61
N GLY B 390 -16.63 -15.94 1.35
CA GLY B 390 -17.56 -16.63 0.49
C GLY B 390 -17.85 -18.04 0.98
N PHE B 391 -16.85 -18.70 1.56
CA PHE B 391 -17.06 -20.00 2.19
C PHE B 391 -18.03 -19.89 3.37
N PHE B 392 -17.88 -18.84 4.17
CA PHE B 392 -18.85 -18.61 5.24
C PHE B 392 -20.25 -18.29 4.71
N CYS B 393 -20.34 -17.54 3.60
CA CYS B 393 -21.65 -17.30 2.98
C CYS B 393 -22.27 -18.60 2.51
N SER B 394 -21.44 -19.49 1.96
CA SER B 394 -21.91 -20.78 1.48
C SER B 394 -22.39 -21.67 2.63
N ILE B 395 -21.69 -21.67 3.76
CA ILE B 395 -22.14 -22.51 4.86
C ILE B 395 -23.30 -21.89 5.62
N ARG B 396 -23.48 -20.57 5.56
CA ARG B 396 -24.72 -19.98 6.07
C ARG B 396 -25.90 -20.37 5.19
N GLU B 397 -25.72 -20.36 3.87
CA GLU B 397 -26.82 -20.72 2.98
C GLU B 397 -27.09 -22.22 2.97
N ALA B 398 -26.08 -23.03 3.34
CA ALA B 398 -26.25 -24.47 3.33
C ALA B 398 -27.19 -24.93 4.43
N LEU B 399 -27.00 -24.42 5.65
CA LEU B 399 -27.90 -24.76 6.74
C LEU B 399 -29.23 -24.03 6.64
N LYS B 400 -29.28 -22.95 5.85
CA LYS B 400 -30.55 -22.26 5.62
C LYS B 400 -31.52 -23.14 4.82
N ASN B 401 -31.00 -23.84 3.81
CA ASN B 401 -31.82 -24.72 2.99
C ASN B 401 -32.10 -26.04 3.69
C9 9DG D . 18.30 8.35 -13.40
C8 9DG D . 19.46 8.89 -12.87
N7 9DG D . 20.06 9.58 -13.87
C5 9DG D . 19.30 9.50 -14.99
C6 9DG D . 19.48 10.07 -16.39
O6 9DG D . 20.42 10.74 -16.63
N1 9DG D . 18.50 9.81 -17.41
C2 9DG D . 17.36 9.00 -17.09
N2 9DG D . 16.36 8.73 -18.11
N3 9DG D . 17.18 8.45 -15.75
C4 9DG D . 18.21 8.73 -14.70
#